data_1S77
#
_entry.id   1S77
#
_cell.length_a   127.738
_cell.length_b   141.843
_cell.length_c   142.856
_cell.angle_alpha   90.00
_cell.angle_beta   90.00
_cell.angle_gamma   90.00
#
_symmetry.space_group_name_H-M   'C 2 2 21'
#
loop_
_entity.id
_entity.type
_entity.pdbx_description
1 polymer "DNA (5'-D(*GP*CP*CP*GP*TP*GP*CP*GP*CP*AP*TP*TP*CP*GP*CP*CP*GP*TP*GP*TP*T)-3')"
2 polymer "DNA (5'-D(*TP*TP*TP*AP*CP*GP*TP*TP*GP*CP*GP*CP*AP*CP*GP*GP*C)-3')"
3 polymer "RNA (5'-R(*AP*CP*AP*CP*GP*GP*CP*GP*AP*(3DA))-3')"
4 polymer 'DNA-directed RNA polymerase'
5 non-polymer 'MAGNESIUM ION'
6 non-polymer 'PYROPHOSPHATE 2-'
7 water water
#
loop_
_entity_poly.entity_id
_entity_poly.type
_entity_poly.pdbx_seq_one_letter_code
_entity_poly.pdbx_strand_id
1 'polydeoxyribonucleotide'
;(DG)(DC)(DC)(DG)(DT)(DG)(DC)(DG)(DC)(DA)(DT)(DT)(DC)(DG)(DC)(DC)(DG)(DT)(DG)(DT)
(DT)
;
T
2 'polydeoxyribonucleotide' (DT)(DT)(DT)(DA)(DC)(DG)(DT)(DT)(DG)(DC)(DG)(DC)(DA)(DC)(DG)(DG)(DC) N
3 'polyribonucleotide' ACACGGCGA(3DA) R
4 'polypeptide(L)'
;MNTINIAKNDFSDIELAAIPFNTLADHYGERLAREQLALEHESYEMGEARFRKMFERQLKAGEVADNAAAKPLITTLLPK
MIARINDWFEEVKAKRGKRPTAFQFLQEIKPEAVAYITIKTTLACLTSADNTTVQAVASAIGRAIEDEARFGRIRDLEAK
HFKKNVEEQLNKRVGHVYKKAFMQVVEADMLSKGLLGGEAWSSWHKEDSIHVGVRCIEMLIESTGMVSLHRQNAGVVGQD
SETIELAPEYAEAIATRAGALAGISPMFQPCVVPPKPWTGITGGGYWANGRRPLALVRTHSKKALMRYEDVYMPEVYKAI
NIAQNTAWKINKKVLAVANVITKWKHCPVEDIPAIEREELPMKPEDIDMNPEALTAWKRAAAAVYRKDKARKSRRISLEF
MLEQANKFANHKAIWFPYNMDWRGRVYAVSMFNPQGNDMTKGLLTLAKGKPIGKEGYYWLKIHGANCAGVDKVPFPERIK
FIEENHENIMACAKSPLENTWWAEQDSPFCFLAFCFEYAGVQHHGLSYNCSLPLAFDGSCSGIQHFSAMLRDEVGGRAVN
LLPSETVQDIYGIVAKKVNEILQADAINGTDNEVVTVTDENTGEISEKVKLGTKALAGQWLAYGVTRSVTKRSVMTLAYG
SKEFGFRQQVLEDTIQPAIDSGKGLMFTQPNQAAGYMAKLIWESVSVTVVAAVEAMNWLKSAAKLLAAEVKDKKTGEILR
KRCAVHWVTPDGFPVWQEYKKPIQTRLNLMFLGQFRLQPTINTNKDSEIDAHKQESGIAPNFVHSQDGSHLRKTVVWAHE
KYGIESFALIHDSFGTIPADAANLFKAVRETMVDTYESCDVLADFYDQFADQLHESQLDKMPALPAKGNLNLRDILESDF
AFA
;
D
#
loop_
_chem_comp.id
_chem_comp.type
_chem_comp.name
_chem_comp.formula
3DA RNA linking 3'-DEOXYADENOSINE-5'-MONOPHOSPHATE 'C10 H14 N5 O6 P'
A RNA linking ADENOSINE-5'-MONOPHOSPHATE 'C10 H14 N5 O7 P'
C RNA linking CYTIDINE-5'-MONOPHOSPHATE 'C9 H14 N3 O8 P'
DA DNA linking 2'-DEOXYADENOSINE-5'-MONOPHOSPHATE 'C10 H14 N5 O6 P'
DC DNA linking 2'-DEOXYCYTIDINE-5'-MONOPHOSPHATE 'C9 H14 N3 O7 P'
DG DNA linking 2'-DEOXYGUANOSINE-5'-MONOPHOSPHATE 'C10 H14 N5 O7 P'
DT DNA linking THYMIDINE-5'-MONOPHOSPHATE 'C10 H15 N2 O8 P'
G RNA linking GUANOSINE-5'-MONOPHOSPHATE 'C10 H14 N5 O8 P'
MG non-polymer 'MAGNESIUM ION' 'Mg 2'
POP non-polymer 'PYROPHOSPHATE 2-' 'H2 O7 P2 -2'
#
# COMPACT_ATOMS: atom_id res chain seq x y z
P 3DA C 10 -3.02 -7.50 9.84
O1P 3DA C 10 -3.47 -8.87 10.24
O2P 3DA C 10 -4.04 -6.43 9.64
O5' 3DA C 10 -2.00 -6.99 10.95
C5' 3DA C 10 -2.44 -6.17 12.02
C4' 3DA C 10 -1.45 -5.07 12.26
O4' 3DA C 10 -1.05 -4.51 10.99
C1' 3DA C 10 -0.89 -3.10 11.12
N9 3DA C 10 -1.91 -2.47 10.29
C4 3DA C 10 -2.05 -1.11 10.09
N3 3DA C 10 -1.27 -0.14 10.58
C2 3DA C 10 -1.71 1.05 10.19
N1 3DA C 10 -2.78 1.35 9.43
C6 3DA C 10 -3.54 0.34 8.97
N6 3DA C 10 -4.61 0.65 8.24
C5 3DA C 10 -3.18 -0.96 9.30
N7 3DA C 10 -3.74 -2.20 8.99
C8 3DA C 10 -2.95 -3.07 9.60
C2' 3DA C 10 -1.02 -2.78 12.61
O2' 3DA C 10 0.23 -2.84 13.28
C3' 3DA C 10 -1.93 -3.90 13.09
N SER D 12 24.96 -22.13 -0.59
CA SER D 12 25.08 -21.77 0.85
C SER D 12 26.49 -21.31 1.26
N ASP D 13 27.50 -21.71 0.51
CA ASP D 13 28.87 -21.33 0.82
C ASP D 13 29.21 -19.90 0.37
N ILE D 14 29.78 -19.11 1.28
CA ILE D 14 30.15 -17.72 1.00
C ILE D 14 31.01 -17.65 -0.27
N GLU D 15 31.64 -18.76 -0.59
CA GLU D 15 32.48 -18.91 -1.77
C GLU D 15 31.58 -19.23 -2.96
N LEU D 16 30.59 -20.08 -2.71
CA LEU D 16 29.63 -20.49 -3.73
C LEU D 16 28.83 -19.32 -4.31
N ALA D 17 29.11 -18.11 -3.82
CA ALA D 17 28.46 -16.93 -4.37
C ALA D 17 29.34 -16.57 -5.59
N ALA D 18 29.39 -17.51 -6.53
CA ALA D 18 30.18 -17.38 -7.75
C ALA D 18 29.24 -17.41 -8.97
N ILE D 19 29.59 -18.20 -9.97
CA ILE D 19 28.75 -18.31 -11.16
C ILE D 19 27.52 -19.16 -10.85
N PRO D 20 26.35 -18.51 -10.75
CA PRO D 20 25.02 -19.07 -10.44
C PRO D 20 24.71 -20.49 -10.89
N PHE D 21 24.66 -20.70 -12.20
CA PHE D 21 24.36 -22.03 -12.75
C PHE D 21 25.20 -23.15 -12.13
N ASN D 22 26.49 -22.91 -11.96
CA ASN D 22 27.41 -23.90 -11.42
C ASN D 22 27.03 -24.27 -10.00
N THR D 23 26.81 -23.24 -9.18
CA THR D 23 26.46 -23.45 -7.78
C THR D 23 25.11 -24.12 -7.62
N LEU D 24 24.11 -23.66 -8.37
CA LEU D 24 22.79 -24.24 -8.28
C LEU D 24 22.80 -25.72 -8.61
N ALA D 25 23.26 -26.04 -9.81
CA ALA D 25 23.31 -27.43 -10.29
C ALA D 25 24.10 -28.27 -9.32
N ASP D 26 25.23 -27.74 -8.88
CA ASP D 26 26.09 -28.43 -7.95
C ASP D 26 25.26 -28.86 -6.74
N HIS D 27 24.35 -27.99 -6.32
CA HIS D 27 23.48 -28.23 -5.17
C HIS D 27 22.13 -28.87 -5.47
N TYR D 28 21.52 -28.51 -6.60
CA TYR D 28 20.19 -29.03 -6.93
C TYR D 28 20.06 -29.72 -8.27
N GLY D 29 21.17 -29.97 -8.93
CA GLY D 29 21.09 -30.63 -10.22
C GLY D 29 20.87 -29.64 -11.36
N GLU D 30 21.59 -29.87 -12.46
CA GLU D 30 21.51 -29.03 -13.63
C GLU D 30 20.09 -28.75 -14.13
N ARG D 31 19.16 -29.69 -13.94
CA ARG D 31 17.80 -29.46 -14.42
C ARG D 31 17.16 -28.26 -13.76
N LEU D 32 17.01 -28.31 -12.43
CA LEU D 32 16.42 -27.20 -11.70
C LEU D 32 17.27 -25.94 -11.84
N ALA D 33 18.59 -26.10 -11.75
CA ALA D 33 19.45 -24.95 -11.89
C ALA D 33 18.97 -24.16 -13.11
N ARG D 34 18.74 -24.88 -14.21
CA ARG D 34 18.27 -24.26 -15.44
C ARG D 34 16.88 -23.66 -15.26
N GLU D 35 15.99 -24.41 -14.63
CA GLU D 35 14.64 -23.90 -14.44
C GLU D 35 14.69 -22.58 -13.65
N GLN D 36 15.47 -22.53 -12.58
CA GLN D 36 15.55 -21.28 -11.82
C GLN D 36 15.89 -20.14 -12.74
N LEU D 37 17.15 -20.14 -13.22
CA LEU D 37 17.63 -19.09 -14.12
C LEU D 37 16.68 -18.81 -15.27
N ALA D 38 16.17 -19.86 -15.87
CA ALA D 38 15.22 -19.67 -16.95
C ALA D 38 14.07 -18.83 -16.39
N LEU D 39 13.63 -19.19 -15.20
CA LEU D 39 12.53 -18.54 -14.50
C LEU D 39 12.84 -17.11 -14.11
N GLU D 40 14.02 -16.89 -13.54
CA GLU D 40 14.38 -15.53 -13.15
C GLU D 40 14.40 -14.70 -14.41
N HIS D 41 14.97 -15.25 -15.46
CA HIS D 41 15.05 -14.54 -16.71
C HIS D 41 13.66 -14.28 -17.28
N GLU D 42 12.76 -15.23 -17.14
CA GLU D 42 11.44 -15.00 -17.68
C GLU D 42 10.81 -13.79 -17.01
N SER D 43 11.02 -13.67 -15.70
CA SER D 43 10.45 -12.58 -14.90
C SER D 43 10.88 -11.23 -15.47
N TYR D 44 12.13 -11.15 -15.89
CA TYR D 44 12.69 -9.93 -16.46
C TYR D 44 11.95 -9.70 -17.78
N GLU D 45 11.92 -10.73 -18.61
CA GLU D 45 11.25 -10.72 -19.89
C GLU D 45 9.80 -10.25 -19.70
N MET D 46 9.03 -10.96 -18.87
CA MET D 46 7.63 -10.58 -18.64
C MET D 46 7.50 -9.14 -18.20
N GLY D 47 8.38 -8.72 -17.30
CA GLY D 47 8.33 -7.36 -16.81
C GLY D 47 8.53 -6.39 -17.95
N GLU D 48 9.54 -6.65 -18.77
CA GLU D 48 9.88 -5.82 -19.92
C GLU D 48 8.69 -5.74 -20.87
N ALA D 49 8.00 -6.85 -21.05
CA ALA D 49 6.84 -6.87 -21.92
C ALA D 49 5.83 -5.89 -21.36
N ARG D 50 5.40 -6.16 -20.12
CA ARG D 50 4.40 -5.35 -19.44
C ARG D 50 4.69 -3.86 -19.57
N PHE D 51 5.98 -3.52 -19.62
CA PHE D 51 6.37 -2.13 -19.77
C PHE D 51 6.04 -1.74 -21.20
N ARG D 52 6.63 -2.43 -22.16
CA ARG D 52 6.40 -2.15 -23.57
C ARG D 52 4.92 -1.95 -23.88
N LYS D 53 4.12 -3.00 -23.69
CA LYS D 53 2.69 -2.88 -23.95
C LYS D 53 2.20 -1.51 -23.50
N MET D 54 2.54 -1.15 -22.27
CA MET D 54 2.13 0.13 -21.70
C MET D 54 2.77 1.28 -22.46
N PHE D 55 4.10 1.32 -22.47
CA PHE D 55 4.82 2.37 -23.16
C PHE D 55 4.32 2.55 -24.59
N GLU D 56 3.77 1.50 -25.18
CA GLU D 56 3.25 1.60 -26.52
C GLU D 56 1.87 2.24 -26.46
N ARG D 57 0.98 1.64 -25.69
CA ARG D 57 -0.37 2.18 -25.56
C ARG D 57 -0.29 3.63 -25.10
N GLN D 58 0.87 4.02 -24.57
CA GLN D 58 1.07 5.39 -24.10
C GLN D 58 1.22 6.34 -25.26
N LEU D 59 2.10 6.01 -26.19
CA LEU D 59 2.31 6.87 -27.35
C LEU D 59 1.24 6.58 -28.40
N LYS D 60 0.71 5.36 -28.39
CA LYS D 60 -0.33 4.99 -29.33
C LYS D 60 -1.61 5.71 -28.94
N ALA D 61 -1.47 6.69 -28.05
CA ALA D 61 -2.58 7.49 -27.56
C ALA D 61 -2.02 8.83 -27.10
N GLY D 62 -1.03 9.33 -27.86
CA GLY D 62 -0.40 10.60 -27.57
C GLY D 62 -0.29 10.93 -26.09
N GLU D 63 0.74 10.40 -25.44
CA GLU D 63 0.97 10.65 -24.02
C GLU D 63 2.36 10.19 -23.59
N VAL D 64 3.31 10.34 -24.51
CA VAL D 64 4.69 9.95 -24.24
C VAL D 64 5.30 10.75 -23.10
N ALA D 65 5.20 12.07 -23.20
CA ALA D 65 5.76 12.95 -22.18
C ALA D 65 5.55 12.43 -20.76
N ASP D 66 4.45 11.73 -20.53
CA ASP D 66 4.15 11.19 -19.21
C ASP D 66 5.11 10.06 -18.83
N ASN D 67 5.31 9.12 -19.74
CA ASN D 67 6.19 7.99 -19.47
C ASN D 67 7.57 8.37 -18.96
N ALA D 68 8.03 7.61 -17.97
CA ALA D 68 9.34 7.84 -17.38
C ALA D 68 10.38 8.15 -18.44
N ALA D 69 10.42 7.33 -19.49
CA ALA D 69 11.39 7.47 -20.59
C ALA D 69 11.64 8.88 -21.12
N ALA D 70 10.58 9.69 -21.17
CA ALA D 70 10.70 11.05 -21.69
C ALA D 70 10.91 12.10 -20.60
N LYS D 71 10.66 11.73 -19.35
CA LYS D 71 10.80 12.66 -18.23
C LYS D 71 12.19 13.29 -18.13
N PRO D 72 13.24 12.48 -18.26
CA PRO D 72 14.60 13.04 -18.18
C PRO D 72 14.91 13.99 -19.34
N LEU D 73 14.18 13.82 -20.44
CA LEU D 73 14.37 14.70 -21.60
C LEU D 73 13.66 16.01 -21.27
N ILE D 74 12.38 15.89 -20.94
CA ILE D 74 11.56 17.04 -20.56
C ILE D 74 12.28 17.97 -19.59
N THR D 75 12.73 17.43 -18.45
CA THR D 75 13.43 18.24 -17.46
C THR D 75 14.67 18.91 -18.03
N THR D 76 15.25 18.32 -19.07
CA THR D 76 16.45 18.89 -19.68
C THR D 76 16.11 20.07 -20.57
N LEU D 77 14.88 20.11 -21.07
CA LEU D 77 14.46 21.19 -21.96
C LEU D 77 13.45 22.14 -21.32
N LEU D 78 12.44 21.59 -20.64
CA LEU D 78 11.42 22.38 -20.00
C LEU D 78 11.95 23.73 -19.50
N PRO D 79 13.08 23.71 -18.77
CA PRO D 79 13.67 24.95 -18.26
C PRO D 79 14.18 25.90 -19.34
N LYS D 80 14.86 25.35 -20.35
CA LYS D 80 15.40 26.17 -21.44
C LYS D 80 14.37 27.01 -22.18
N MET D 81 13.08 26.72 -21.97
CA MET D 81 12.01 27.48 -22.62
C MET D 81 11.93 28.91 -22.11
N ILE D 82 11.97 29.09 -20.79
CA ILE D 82 11.94 30.44 -20.24
C ILE D 82 13.12 31.22 -20.83
N ALA D 83 14.24 30.52 -21.00
CA ALA D 83 15.46 31.11 -21.56
C ALA D 83 15.23 31.49 -23.02
N ARG D 84 13.95 31.65 -23.37
CA ARG D 84 13.55 32.02 -24.71
C ARG D 84 12.16 32.63 -24.63
N ILE D 85 11.24 31.91 -24.01
CA ILE D 85 9.88 32.39 -23.84
C ILE D 85 9.93 33.79 -23.23
N ASN D 86 10.49 33.87 -22.03
CA ASN D 86 10.60 35.13 -21.32
C ASN D 86 11.67 35.99 -21.97
N ASP D 87 12.76 35.34 -22.39
CA ASP D 87 13.86 36.01 -23.06
C ASP D 87 13.30 36.65 -24.34
N TRP D 88 12.07 36.25 -24.69
CA TRP D 88 11.38 36.76 -25.86
C TRP D 88 10.58 37.99 -25.45
N PHE D 89 9.75 37.82 -24.43
CA PHE D 89 8.92 38.92 -23.93
C PHE D 89 9.76 40.16 -23.61
N GLU D 90 10.74 39.99 -22.73
CA GLU D 90 11.61 41.09 -22.35
C GLU D 90 12.46 41.53 -23.54
N GLU D 91 12.01 41.17 -24.73
CA GLU D 91 12.70 41.53 -25.97
C GLU D 91 11.67 42.07 -26.96
N VAL D 92 10.44 41.58 -26.83
CA VAL D 92 9.35 42.04 -27.68
C VAL D 92 9.01 43.45 -27.19
N LYS D 93 9.38 43.71 -25.94
CA LYS D 93 9.14 45.00 -25.30
C LYS D 93 10.11 46.07 -25.80
N ALA D 94 11.07 45.65 -26.62
CA ALA D 94 12.06 46.56 -27.16
C ALA D 94 11.56 47.15 -28.47
N LYS D 95 10.57 46.50 -29.06
CA LYS D 95 9.98 46.97 -30.32
C LYS D 95 9.02 48.12 -30.06
N ARG D 96 9.11 49.17 -30.87
CA ARG D 96 8.24 50.33 -30.71
C ARG D 96 7.03 50.32 -31.63
N GLY D 97 6.27 49.23 -31.61
CA GLY D 97 5.10 49.13 -32.46
C GLY D 97 4.12 48.05 -32.05
N LYS D 98 3.61 47.32 -33.04
CA LYS D 98 2.66 46.25 -32.78
C LYS D 98 3.35 44.97 -32.34
N ARG D 99 2.65 44.19 -31.51
CA ARG D 99 3.16 42.93 -31.00
C ARG D 99 2.75 41.74 -31.88
N PRO D 100 3.71 40.81 -32.12
CA PRO D 100 3.56 39.59 -32.93
C PRO D 100 2.35 38.70 -32.70
N THR D 101 1.24 39.28 -32.25
CA THR D 101 0.00 38.53 -32.01
C THR D 101 0.11 37.45 -30.95
N ALA D 102 1.13 36.61 -31.08
CA ALA D 102 1.35 35.53 -30.12
C ALA D 102 1.56 36.10 -28.72
N PHE D 103 2.34 37.17 -28.63
CA PHE D 103 2.64 37.82 -27.36
C PHE D 103 1.45 37.78 -26.40
N GLN D 104 0.42 38.56 -26.71
CA GLN D 104 -0.76 38.64 -25.88
C GLN D 104 -1.45 37.29 -25.68
N PHE D 105 -1.39 36.44 -26.70
CA PHE D 105 -2.03 35.13 -26.62
C PHE D 105 -1.14 34.03 -26.06
N LEU D 106 -0.45 34.34 -24.96
CA LEU D 106 0.43 33.40 -24.28
C LEU D 106 0.80 33.98 -22.93
N GLN D 107 0.52 35.27 -22.75
CA GLN D 107 0.81 35.97 -21.51
C GLN D 107 -0.31 35.71 -20.51
N GLU D 108 -1.35 35.01 -20.96
CA GLU D 108 -2.50 34.68 -20.13
C GLU D 108 -2.21 33.60 -19.09
N ILE D 109 -1.05 32.96 -19.20
CA ILE D 109 -0.68 31.90 -18.26
C ILE D 109 0.82 31.86 -17.97
N LYS D 110 1.17 31.15 -16.88
CA LYS D 110 2.55 31.02 -16.46
C LYS D 110 3.44 30.62 -17.64
N PRO D 111 4.59 31.29 -17.79
CA PRO D 111 5.51 30.99 -18.89
C PRO D 111 5.88 29.51 -18.98
N GLU D 112 6.68 29.03 -18.03
CA GLU D 112 7.09 27.63 -18.06
C GLU D 112 5.89 26.69 -18.10
N ALA D 113 4.74 27.18 -17.66
CA ALA D 113 3.52 26.36 -17.68
C ALA D 113 3.13 26.17 -19.14
N VAL D 114 3.47 27.17 -19.96
CA VAL D 114 3.20 27.13 -21.39
C VAL D 114 4.19 26.14 -21.98
N ALA D 115 5.47 26.35 -21.67
CA ALA D 115 6.55 25.50 -22.14
C ALA D 115 6.22 24.01 -21.96
N TYR D 116 5.63 23.65 -20.82
CA TYR D 116 5.29 22.25 -20.61
C TYR D 116 4.14 21.92 -21.56
N ILE D 117 3.07 22.71 -21.51
CA ILE D 117 1.93 22.50 -22.38
C ILE D 117 2.39 22.45 -23.82
N THR D 118 3.52 23.10 -24.08
CA THR D 118 4.09 23.11 -25.42
C THR D 118 4.69 21.76 -25.72
N ILE D 119 5.82 21.48 -25.10
CA ILE D 119 6.55 20.23 -25.26
C ILE D 119 5.67 18.98 -25.05
N LYS D 120 4.92 18.97 -23.97
CA LYS D 120 4.05 17.84 -23.66
C LYS D 120 3.02 17.63 -24.76
N THR D 121 2.95 18.58 -25.69
CA THR D 121 2.00 18.49 -26.80
C THR D 121 2.71 18.32 -28.14
N THR D 122 3.89 18.91 -28.29
CA THR D 122 4.64 18.78 -29.54
C THR D 122 4.98 17.32 -29.74
N LEU D 123 5.15 16.60 -28.64
CA LEU D 123 5.48 15.17 -28.69
C LEU D 123 4.21 14.33 -28.68
N ALA D 124 3.18 14.80 -27.97
CA ALA D 124 1.90 14.10 -27.89
C ALA D 124 1.25 14.10 -29.27
N CYS D 125 2.04 14.49 -30.27
CA CYS D 125 1.59 14.54 -31.65
C CYS D 125 2.69 13.93 -32.51
N LEU D 126 3.94 14.23 -32.18
CA LEU D 126 5.08 13.69 -32.91
C LEU D 126 5.21 12.20 -32.62
N THR D 127 4.38 11.71 -31.70
CA THR D 127 4.38 10.30 -31.32
C THR D 127 2.96 9.77 -31.34
N SER D 128 2.00 10.65 -31.65
CA SER D 128 0.61 10.28 -31.72
C SER D 128 0.31 9.80 -33.14
N ALA D 129 0.43 10.70 -34.11
CA ALA D 129 0.20 10.38 -35.51
C ALA D 129 1.53 10.23 -36.23
N ASP D 130 1.48 9.80 -37.49
CA ASP D 130 2.69 9.61 -38.27
C ASP D 130 2.94 10.76 -39.26
N ASN D 131 1.87 11.42 -39.68
CA ASN D 131 1.97 12.54 -40.59
C ASN D 131 1.44 13.79 -39.90
N THR D 132 2.36 14.56 -39.32
CA THR D 132 2.00 15.79 -38.61
C THR D 132 2.93 16.95 -38.99
N THR D 133 2.34 18.10 -39.27
CA THR D 133 3.08 19.30 -39.66
C THR D 133 2.91 20.41 -38.64
N VAL D 134 3.30 21.62 -39.02
CA VAL D 134 3.20 22.78 -38.15
C VAL D 134 1.75 23.11 -37.80
N GLN D 135 0.86 23.07 -38.79
CA GLN D 135 -0.54 23.37 -38.53
C GLN D 135 -1.09 22.44 -37.47
N ALA D 136 -0.73 21.16 -37.59
CA ALA D 136 -1.18 20.14 -36.64
C ALA D 136 -0.73 20.47 -35.23
N VAL D 137 0.57 20.64 -35.05
CA VAL D 137 1.14 20.97 -33.75
C VAL D 137 0.52 22.24 -33.19
N ALA D 138 0.70 23.33 -33.92
CA ALA D 138 0.17 24.63 -33.52
C ALA D 138 -1.30 24.58 -33.14
N SER D 139 -2.11 23.94 -33.97
CA SER D 139 -3.54 23.83 -33.72
C SER D 139 -3.80 23.05 -32.44
N ALA D 140 -2.75 22.41 -31.93
CA ALA D 140 -2.83 21.63 -30.70
C ALA D 140 -2.22 22.47 -29.57
N ILE D 141 -0.98 22.93 -29.78
CA ILE D 141 -0.32 23.75 -28.78
C ILE D 141 -1.22 24.92 -28.41
N GLY D 142 -1.52 25.76 -29.40
CA GLY D 142 -2.39 26.90 -29.15
C GLY D 142 -3.68 26.44 -28.54
N ARG D 143 -4.23 25.34 -29.06
CA ARG D 143 -5.47 24.78 -28.56
C ARG D 143 -5.26 24.38 -27.10
N ALA D 144 -4.07 23.88 -26.82
CA ALA D 144 -3.70 23.44 -25.48
C ALA D 144 -3.42 24.63 -24.58
N ILE D 145 -2.84 25.69 -25.14
CA ILE D 145 -2.54 26.88 -24.35
C ILE D 145 -3.84 27.37 -23.72
N GLU D 146 -4.94 27.18 -24.45
CA GLU D 146 -6.26 27.56 -23.94
C GLU D 146 -6.65 26.43 -23.01
N ASP D 147 -7.89 26.41 -22.54
CA ASP D 147 -8.34 25.38 -21.61
C ASP D 147 -7.51 25.57 -20.36
N GLU D 148 -6.20 25.36 -20.48
CA GLU D 148 -5.27 25.57 -19.37
C GLU D 148 -5.31 27.06 -19.11
N ALA D 149 -5.48 27.83 -20.18
CA ALA D 149 -5.56 29.28 -20.06
C ALA D 149 -6.91 29.60 -19.43
N ARG D 150 -7.93 28.88 -19.88
CA ARG D 150 -9.29 29.07 -19.37
C ARG D 150 -9.45 28.49 -17.99
N PHE D 151 -9.86 27.23 -17.93
CA PHE D 151 -10.07 26.52 -16.67
C PHE D 151 -8.81 26.52 -15.82
N GLY D 152 -7.72 27.05 -16.38
CA GLY D 152 -6.47 27.09 -15.65
C GLY D 152 -6.10 28.44 -15.07
N ARG D 153 -6.44 29.51 -15.76
CA ARG D 153 -6.13 30.85 -15.25
C ARG D 153 -6.97 31.13 -14.01
N ILE D 154 -7.85 30.19 -13.68
CA ILE D 154 -8.70 30.31 -12.51
C ILE D 154 -7.86 30.07 -11.25
N ARG D 155 -6.56 29.83 -11.45
CA ARG D 155 -5.64 29.60 -10.35
C ARG D 155 -5.81 30.70 -9.30
N ASP D 156 -5.73 31.94 -9.75
CA ASP D 156 -5.91 33.08 -8.85
C ASP D 156 -7.36 33.56 -8.95
N LEU D 157 -7.70 34.62 -8.23
CA LEU D 157 -9.07 35.13 -8.24
C LEU D 157 -10.08 34.01 -8.08
N GLU D 158 -9.65 32.94 -7.41
CA GLU D 158 -10.50 31.79 -7.16
C GLU D 158 -9.81 30.85 -6.16
N ALA D 159 -8.53 31.10 -5.91
CA ALA D 159 -7.76 30.30 -4.97
C ALA D 159 -8.43 30.34 -3.60
N LYS D 160 -8.07 29.41 -2.73
CA LYS D 160 -8.65 29.35 -1.39
C LYS D 160 -10.15 29.03 -1.52
N HIS D 161 -10.61 29.01 -2.76
CA HIS D 161 -12.00 28.71 -3.07
C HIS D 161 -12.04 27.68 -4.18
N PHE D 162 -10.86 27.40 -4.75
CA PHE D 162 -10.74 26.41 -5.81
C PHE D 162 -10.68 25.03 -5.14
N LYS D 163 -9.89 24.95 -4.07
CA LYS D 163 -9.74 23.71 -3.31
C LYS D 163 -11.04 23.50 -2.54
N LYS D 164 -12.04 24.29 -2.87
CA LYS D 164 -13.35 24.22 -2.23
C LYS D 164 -13.95 22.82 -2.26
N ASN D 165 -13.18 21.85 -2.76
CA ASN D 165 -13.64 20.47 -2.82
C ASN D 165 -15.05 20.42 -3.42
N VAL D 166 -15.44 21.49 -4.10
CA VAL D 166 -16.74 21.54 -4.75
C VAL D 166 -16.65 20.65 -5.98
N GLU D 167 -15.44 20.18 -6.23
CA GLU D 167 -15.17 19.31 -7.37
C GLU D 167 -14.73 17.95 -6.82
N GLU D 168 -14.66 17.85 -5.50
CA GLU D 168 -14.25 16.62 -4.82
C GLU D 168 -13.00 16.07 -5.48
N GLN D 169 -11.85 16.37 -4.88
CA GLN D 169 -10.58 15.93 -5.42
C GLN D 169 -10.59 16.42 -6.86
N LEU D 170 -11.10 17.63 -7.05
CA LEU D 170 -11.19 18.25 -8.37
C LEU D 170 -11.51 17.18 -9.41
N ASN D 171 -10.64 17.03 -10.40
CA ASN D 171 -10.84 16.04 -11.45
C ASN D 171 -10.61 14.64 -10.88
N LYS D 172 -11.43 14.27 -9.90
CA LYS D 172 -11.31 12.95 -9.27
C LYS D 172 -11.24 11.86 -10.33
N ARG D 173 -12.31 11.71 -11.12
CA ARG D 173 -12.34 10.70 -12.16
C ARG D 173 -11.49 11.11 -13.35
N VAL D 174 -10.30 10.54 -13.43
CA VAL D 174 -9.36 10.83 -14.51
C VAL D 174 -10.06 10.77 -15.87
N GLY D 175 -9.39 11.29 -16.90
CA GLY D 175 -9.95 11.28 -18.23
C GLY D 175 -9.35 12.32 -19.14
N HIS D 176 -8.97 11.91 -20.35
CA HIS D 176 -8.37 12.82 -21.31
C HIS D 176 -9.23 14.06 -21.43
N VAL D 177 -10.42 13.90 -21.98
CA VAL D 177 -11.35 15.01 -22.15
C VAL D 177 -12.31 15.05 -20.97
N TYR D 178 -12.31 13.98 -20.17
CA TYR D 178 -13.18 13.90 -19.00
C TYR D 178 -12.92 15.05 -18.05
N LYS D 179 -11.64 15.33 -17.81
CA LYS D 179 -11.27 16.42 -16.92
C LYS D 179 -11.82 17.72 -17.50
N LYS D 180 -12.19 17.58 -18.79
CA LYS D 180 -12.64 18.86 -19.30
C LYS D 180 -14.16 18.84 -19.44
N ALA D 181 -14.70 17.48 -19.45
CA ALA D 181 -16.12 17.20 -19.58
C ALA D 181 -16.84 17.59 -18.30
N PHE D 182 -16.64 16.78 -17.25
CA PHE D 182 -17.27 17.06 -15.96
C PHE D 182 -16.63 18.27 -15.30
N MET D 183 -16.33 19.27 -16.12
CA MET D 183 -15.72 20.51 -15.67
C MET D 183 -15.79 21.58 -16.75
N GLN D 184 -16.66 21.36 -17.74
CA GLN D 184 -16.84 22.31 -18.83
C GLN D 184 -18.10 23.15 -18.60
N VAL D 185 -19.24 22.48 -18.47
CA VAL D 185 -20.50 23.19 -18.23
C VAL D 185 -20.49 23.63 -16.77
N VAL D 186 -19.51 23.13 -16.02
CA VAL D 186 -19.36 23.48 -14.62
C VAL D 186 -18.86 24.92 -14.59
N GLU D 187 -18.35 25.37 -15.74
CA GLU D 187 -17.85 26.72 -15.88
C GLU D 187 -19.04 27.68 -15.91
N ALA D 188 -20.22 27.11 -16.14
CA ALA D 188 -21.47 27.88 -16.20
C ALA D 188 -21.59 28.90 -15.08
N ASP D 189 -21.50 28.41 -13.84
CA ASP D 189 -21.60 29.29 -12.68
C ASP D 189 -20.90 30.63 -12.91
N MET D 190 -21.63 31.71 -12.67
CA MET D 190 -21.09 33.06 -12.87
C MET D 190 -19.83 33.30 -12.02
N LEU D 191 -19.91 32.96 -10.73
CA LEU D 191 -18.79 33.14 -9.83
C LEU D 191 -18.23 34.56 -9.97
N SER D 192 -16.94 34.71 -9.72
CA SER D 192 -16.29 36.01 -9.83
C SER D 192 -16.20 36.41 -11.31
N LYS D 193 -16.82 37.54 -11.65
CA LYS D 193 -16.81 38.04 -13.02
C LYS D 193 -17.54 37.06 -13.95
N GLY D 194 -16.80 36.47 -14.87
CA GLY D 194 -17.39 35.51 -15.79
C GLY D 194 -17.15 35.84 -17.26
N ALA D 200 -17.74 35.02 -18.13
CA ALA D 200 -17.61 35.19 -19.58
C ALA D 200 -16.20 34.97 -20.11
N TRP D 201 -16.11 34.35 -21.27
CA TRP D 201 -14.82 34.08 -21.90
C TRP D 201 -14.90 34.16 -23.43
N SER D 202 -14.09 35.04 -24.00
CA SER D 202 -14.06 35.23 -25.45
C SER D 202 -13.11 34.23 -26.09
N SER D 203 -13.64 33.06 -26.45
CA SER D 203 -12.85 32.00 -27.08
C SER D 203 -11.84 32.57 -28.06
N TRP D 204 -10.66 31.95 -28.11
CA TRP D 204 -9.57 32.38 -29.00
C TRP D 204 -9.94 32.19 -30.46
N HIS D 205 -11.23 32.19 -30.77
CA HIS D 205 -11.69 32.00 -32.13
C HIS D 205 -11.15 30.67 -32.66
N LYS D 206 -10.49 30.73 -33.81
CA LYS D 206 -9.93 29.53 -34.42
C LYS D 206 -8.83 29.91 -35.42
N GLU D 207 -8.28 31.09 -35.23
CA GLU D 207 -7.22 31.60 -36.11
C GLU D 207 -6.03 32.12 -35.32
N ASP D 208 -6.19 32.21 -34.00
CA ASP D 208 -5.12 32.68 -33.14
C ASP D 208 -4.32 31.47 -32.66
N SER D 209 -5.05 30.40 -32.34
CA SER D 209 -4.45 29.16 -31.87
C SER D 209 -3.21 28.81 -32.70
N ILE D 210 -3.38 28.69 -34.02
CA ILE D 210 -2.26 28.36 -34.89
C ILE D 210 -1.10 29.31 -34.63
N HIS D 211 -1.39 30.61 -34.68
CA HIS D 211 -0.36 31.62 -34.45
C HIS D 211 0.29 31.42 -33.08
N VAL D 212 -0.54 31.20 -32.06
CA VAL D 212 -0.05 30.98 -30.71
C VAL D 212 0.96 29.84 -30.74
N GLY D 213 0.55 28.72 -31.33
CA GLY D 213 1.41 27.56 -31.43
C GLY D 213 2.65 27.81 -32.28
N VAL D 214 2.48 28.48 -33.41
CA VAL D 214 3.60 28.75 -34.30
C VAL D 214 4.82 29.34 -33.58
N ARG D 215 4.61 30.38 -32.79
CA ARG D 215 5.72 31.00 -32.06
C ARG D 215 6.24 30.03 -31.02
N CYS D 216 5.33 29.31 -30.36
CA CYS D 216 5.73 28.32 -29.37
C CYS D 216 6.69 27.36 -30.05
N ILE D 217 6.25 26.77 -31.16
CA ILE D 217 7.05 25.80 -31.92
C ILE D 217 8.34 26.42 -32.42
N GLU D 218 8.31 27.71 -32.74
CA GLU D 218 9.50 28.39 -33.23
C GLU D 218 10.48 28.71 -32.11
N MET D 219 9.96 29.14 -30.97
CA MET D 219 10.84 29.43 -29.83
C MET D 219 11.10 28.14 -29.09
N LEU D 220 10.80 27.04 -29.77
CA LEU D 220 11.02 25.71 -29.25
C LEU D 220 12.28 25.24 -29.98
N ILE D 221 12.28 25.43 -31.30
CA ILE D 221 13.40 25.07 -32.14
C ILE D 221 14.51 26.08 -31.85
N GLU D 222 14.08 27.23 -31.35
CA GLU D 222 14.98 28.33 -31.03
C GLU D 222 15.70 28.05 -29.70
N SER D 223 15.01 27.35 -28.79
CA SER D 223 15.58 27.04 -27.49
C SER D 223 16.13 25.61 -27.39
N THR D 224 15.26 24.63 -27.58
CA THR D 224 15.65 23.23 -27.49
C THR D 224 16.39 22.73 -28.73
N GLY D 225 15.84 21.71 -29.36
CA GLY D 225 16.44 21.14 -30.55
C GLY D 225 15.54 20.05 -31.09
N MET D 226 14.55 19.68 -30.28
CA MET D 226 13.59 18.65 -30.66
C MET D 226 13.16 18.76 -32.11
N VAL D 227 12.10 19.52 -32.33
CA VAL D 227 11.55 19.72 -33.66
C VAL D 227 12.59 20.24 -34.65
N SER D 228 12.93 19.41 -35.63
CA SER D 228 13.90 19.76 -36.66
C SER D 228 13.22 19.67 -38.02
N LEU D 229 13.99 19.89 -39.08
CA LEU D 229 13.47 19.84 -40.44
C LEU D 229 14.40 19.03 -41.34
N HIS D 230 14.85 19.67 -42.43
CA HIS D 230 15.75 19.04 -43.39
C HIS D 230 17.05 18.58 -42.73
N SER D 241 4.39 25.54 -46.36
CA SER D 241 4.03 24.57 -45.32
C SER D 241 5.04 23.44 -45.27
N GLU D 242 5.47 23.09 -44.06
CA GLU D 242 6.44 22.00 -43.85
C GLU D 242 5.88 20.99 -42.85
N THR D 243 6.68 20.00 -42.50
CA THR D 243 6.25 18.97 -41.55
C THR D 243 7.21 18.92 -40.35
N ILE D 244 6.67 18.65 -39.17
CA ILE D 244 7.47 18.57 -37.96
C ILE D 244 7.94 17.16 -37.64
N GLU D 245 9.19 17.04 -37.23
CA GLU D 245 9.79 15.74 -36.90
C GLU D 245 10.72 15.86 -35.70
N LEU D 246 10.61 14.92 -34.76
CA LEU D 246 11.46 14.94 -33.59
C LEU D 246 12.91 14.66 -34.01
N ALA D 247 13.84 15.46 -33.48
CA ALA D 247 15.25 15.30 -33.82
C ALA D 247 15.69 13.86 -33.69
N PRO D 248 16.85 13.51 -34.29
CA PRO D 248 17.40 12.15 -34.25
C PRO D 248 17.90 11.76 -32.86
N GLU D 249 18.66 12.65 -32.23
CA GLU D 249 19.23 12.41 -30.90
C GLU D 249 18.27 12.54 -29.72
N TYR D 250 17.15 13.24 -29.93
CA TYR D 250 16.18 13.41 -28.86
C TYR D 250 15.10 12.34 -28.92
N ALA D 251 15.05 11.62 -30.03
CA ALA D 251 14.08 10.54 -30.21
C ALA D 251 14.78 9.25 -29.80
N GLU D 252 15.99 9.08 -30.32
CA GLU D 252 16.76 7.90 -29.99
C GLU D 252 17.07 7.90 -28.51
N ALA D 253 16.78 9.02 -27.86
CA ALA D 253 17.02 9.17 -26.43
C ALA D 253 15.84 8.61 -25.63
N ILE D 254 14.65 9.12 -25.89
CA ILE D 254 13.47 8.64 -25.20
C ILE D 254 13.41 7.13 -25.41
N ALA D 255 13.83 6.71 -26.60
CA ALA D 255 13.81 5.32 -26.99
C ALA D 255 14.85 4.50 -26.24
N THR D 256 16.03 5.08 -26.04
CA THR D 256 17.07 4.37 -25.31
C THR D 256 16.60 4.29 -23.87
N ARG D 257 16.14 5.43 -23.35
CA ARG D 257 15.65 5.51 -21.98
C ARG D 257 14.67 4.39 -21.70
N ALA D 258 13.80 4.11 -22.67
CA ALA D 258 12.80 3.06 -22.53
C ALA D 258 13.49 1.72 -22.36
N GLY D 259 14.22 1.29 -23.39
CA GLY D 259 14.93 0.02 -23.30
C GLY D 259 15.67 -0.08 -21.99
N ALA D 260 16.30 1.02 -21.60
CA ALA D 260 17.05 1.06 -20.35
C ALA D 260 16.15 1.44 -19.19
N LEU D 261 14.91 0.97 -19.21
CA LEU D 261 13.95 1.28 -18.16
C LEU D 261 12.94 0.14 -18.09
N ALA D 262 12.80 -0.56 -19.21
CA ALA D 262 11.87 -1.68 -19.30
C ALA D 262 12.45 -2.88 -18.57
N GLY D 263 13.76 -2.88 -18.39
CA GLY D 263 14.41 -3.99 -17.73
C GLY D 263 14.67 -3.79 -16.24
N ILE D 264 13.71 -3.22 -15.51
CA ILE D 264 13.92 -3.02 -14.08
C ILE D 264 12.69 -3.25 -13.20
N SER D 265 11.59 -3.66 -13.80
CA SER D 265 10.37 -3.93 -13.05
C SER D 265 9.93 -5.36 -13.34
N PRO D 266 10.82 -6.32 -13.10
CA PRO D 266 10.46 -7.70 -13.37
C PRO D 266 9.26 -8.18 -12.59
N MET D 267 8.52 -9.09 -13.22
CA MET D 267 7.38 -9.67 -12.58
C MET D 267 7.96 -10.89 -11.87
N PHE D 268 8.61 -10.63 -10.74
CA PHE D 268 9.22 -11.65 -9.92
C PHE D 268 8.25 -12.81 -9.68
N GLN D 269 8.78 -14.03 -9.74
CA GLN D 269 7.97 -15.23 -9.56
C GLN D 269 8.64 -16.07 -8.50
N PRO D 270 7.95 -17.08 -7.96
CA PRO D 270 8.56 -17.93 -6.92
C PRO D 270 9.74 -18.70 -7.48
N CYS D 271 10.48 -19.35 -6.60
CA CYS D 271 11.64 -20.12 -7.03
C CYS D 271 11.38 -21.62 -7.01
N VAL D 272 12.07 -22.33 -7.88
CA VAL D 272 11.92 -23.77 -7.93
C VAL D 272 13.04 -24.39 -7.13
N VAL D 273 13.81 -23.56 -6.43
CA VAL D 273 14.88 -24.04 -5.54
C VAL D 273 14.96 -23.06 -4.37
N PRO D 274 15.55 -23.45 -3.23
CA PRO D 274 15.59 -22.48 -2.14
C PRO D 274 16.21 -21.15 -2.57
N PRO D 275 15.71 -20.04 -2.01
CA PRO D 275 16.24 -18.72 -2.37
C PRO D 275 17.70 -18.56 -2.05
N LYS D 276 18.36 -17.64 -2.74
CA LYS D 276 19.77 -17.34 -2.49
C LYS D 276 19.79 -16.66 -1.09
N PRO D 277 20.49 -17.26 -0.12
CA PRO D 277 20.56 -16.71 1.24
C PRO D 277 21.12 -15.30 1.19
N TRP D 278 20.66 -14.43 2.10
CA TRP D 278 21.20 -13.10 2.11
C TRP D 278 22.44 -13.05 2.98
N THR D 279 23.47 -12.38 2.45
CA THR D 279 24.75 -12.24 3.15
C THR D 279 25.22 -10.82 2.98
N GLY D 280 24.27 -9.93 2.69
CA GLY D 280 24.58 -8.53 2.52
C GLY D 280 23.30 -7.80 2.19
N ILE D 281 23.34 -6.47 2.08
CA ILE D 281 22.13 -5.72 1.79
C ILE D 281 21.59 -5.89 0.40
N THR D 282 22.33 -6.57 -0.47
CA THR D 282 21.83 -6.76 -1.83
C THR D 282 22.23 -8.10 -2.40
N GLY D 283 21.46 -8.57 -3.38
CA GLY D 283 21.76 -9.81 -4.06
C GLY D 283 21.24 -11.12 -3.47
N GLY D 284 20.23 -11.04 -2.63
CA GLY D 284 19.67 -12.23 -2.03
C GLY D 284 18.39 -12.58 -2.75
N GLY D 285 17.78 -13.70 -2.40
CA GLY D 285 16.56 -14.07 -3.05
C GLY D 285 16.80 -14.83 -4.33
N TYR D 286 16.92 -14.10 -5.43
CA TYR D 286 17.15 -14.74 -6.73
C TYR D 286 18.61 -14.97 -7.02
N TRP D 287 18.90 -16.01 -7.77
CA TRP D 287 20.26 -16.34 -8.07
C TRP D 287 20.97 -15.64 -9.23
N ALA D 288 20.27 -15.43 -10.35
CA ALA D 288 20.89 -14.77 -11.48
C ALA D 288 21.48 -13.45 -11.05
N ASN D 289 22.78 -13.28 -11.22
CA ASN D 289 23.42 -12.02 -10.84
C ASN D 289 23.17 -10.97 -11.91
N GLY D 290 22.20 -10.09 -11.65
CA GLY D 290 21.88 -9.05 -12.62
C GLY D 290 22.37 -7.65 -12.30
N ARG D 291 22.20 -6.73 -13.25
CA ARG D 291 22.63 -5.35 -13.10
C ARG D 291 21.94 -4.69 -11.91
N ARG D 292 20.71 -5.09 -11.65
CA ARG D 292 19.94 -4.54 -10.54
C ARG D 292 19.56 -5.70 -9.62
N PRO D 293 20.44 -6.08 -8.69
CA PRO D 293 20.06 -7.17 -7.79
C PRO D 293 18.94 -6.75 -6.84
N LEU D 294 18.58 -7.65 -5.93
CA LEU D 294 17.51 -7.37 -4.98
C LEU D 294 18.07 -6.73 -3.72
N ALA D 295 17.32 -5.82 -3.11
CA ALA D 295 17.78 -5.19 -1.88
C ALA D 295 17.12 -5.82 -0.67
N LEU D 296 17.82 -5.82 0.46
CA LEU D 296 17.29 -6.40 1.68
C LEU D 296 16.19 -5.51 2.22
N VAL D 297 16.49 -4.22 2.34
CA VAL D 297 15.48 -3.27 2.82
C VAL D 297 14.93 -2.56 1.61
N ARG D 298 13.65 -2.21 1.62
CA ARG D 298 13.09 -1.53 0.48
C ARG D 298 13.16 -0.03 0.70
N THR D 299 14.38 0.47 0.62
CA THR D 299 14.66 1.88 0.77
C THR D 299 14.33 2.52 -0.56
N HIS D 300 14.03 3.80 -0.54
CA HIS D 300 13.71 4.49 -1.76
C HIS D 300 14.98 5.06 -2.37
N SER D 301 15.95 5.38 -1.53
CA SER D 301 17.20 5.94 -1.98
C SER D 301 18.42 5.09 -1.64
N LYS D 302 19.35 4.97 -2.60
CA LYS D 302 20.56 4.21 -2.39
C LYS D 302 21.21 4.66 -1.09
N LYS D 303 21.14 5.94 -0.79
CA LYS D 303 21.74 6.44 0.42
C LYS D 303 21.11 5.74 1.62
N ALA D 304 19.80 5.53 1.59
CA ALA D 304 19.13 4.86 2.68
C ALA D 304 19.65 3.43 2.73
N LEU D 305 19.51 2.72 1.62
CA LEU D 305 19.97 1.34 1.53
C LEU D 305 21.41 1.23 1.98
N MET D 306 22.25 2.07 1.41
CA MET D 306 23.68 2.06 1.71
C MET D 306 23.94 2.21 3.20
N ARG D 307 22.96 2.71 3.93
CA ARG D 307 23.12 2.87 5.35
C ARG D 307 23.27 1.53 6.06
N TYR D 308 22.58 0.49 5.57
CA TYR D 308 22.67 -0.85 6.17
C TYR D 308 23.96 -1.55 5.70
N GLU D 309 24.59 -0.98 4.68
CA GLU D 309 25.81 -1.49 4.08
C GLU D 309 26.81 -2.15 5.03
N ASP D 310 26.86 -1.70 6.27
CA ASP D 310 27.82 -2.28 7.21
C ASP D 310 27.27 -2.61 8.58
N VAL D 311 25.96 -2.50 8.72
CA VAL D 311 25.28 -2.78 9.98
C VAL D 311 25.33 -4.25 10.38
N TYR D 312 25.78 -4.49 11.62
CA TYR D 312 25.85 -5.86 12.13
C TYR D 312 24.48 -6.24 12.67
N MET D 313 23.84 -7.18 11.99
CA MET D 313 22.52 -7.63 12.39
C MET D 313 22.30 -9.09 12.04
N PRO D 314 23.16 -9.97 12.55
CA PRO D 314 23.07 -11.41 12.30
C PRO D 314 21.69 -11.99 12.50
N GLU D 315 21.05 -11.57 13.58
CA GLU D 315 19.74 -12.08 13.91
C GLU D 315 18.67 -11.72 12.86
N VAL D 316 18.89 -10.64 12.11
CA VAL D 316 17.94 -10.21 11.08
C VAL D 316 18.10 -11.01 9.78
N TYR D 317 19.35 -11.31 9.43
CA TYR D 317 19.66 -12.05 8.22
C TYR D 317 19.21 -13.48 8.42
N LYS D 318 19.30 -13.91 9.67
CA LYS D 318 18.94 -15.26 10.03
C LYS D 318 17.43 -15.46 9.82
N ALA D 319 16.62 -14.48 10.22
CA ALA D 319 15.18 -14.61 10.05
C ALA D 319 14.81 -14.68 8.58
N ILE D 320 15.25 -13.69 7.81
CA ILE D 320 14.95 -13.61 6.39
C ILE D 320 15.37 -14.87 5.64
N ASN D 321 16.50 -15.43 6.03
CA ASN D 321 16.95 -16.64 5.39
C ASN D 321 16.07 -17.82 5.82
N ILE D 322 15.87 -18.00 7.13
CA ILE D 322 15.02 -19.09 7.61
C ILE D 322 13.65 -19.04 6.95
N ALA D 323 13.05 -17.86 6.96
CA ALA D 323 11.74 -17.69 6.40
C ALA D 323 11.72 -18.08 4.93
N GLN D 324 12.62 -17.50 4.15
CA GLN D 324 12.62 -17.79 2.74
C GLN D 324 13.02 -19.22 2.36
N ASN D 325 13.53 -19.99 3.30
CA ASN D 325 13.84 -21.39 2.98
C ASN D 325 12.65 -22.30 3.23
N THR D 326 11.47 -21.73 3.44
CA THR D 326 10.27 -22.52 3.68
C THR D 326 9.75 -23.01 2.34
N ALA D 327 9.63 -24.32 2.19
CA ALA D 327 9.15 -24.91 0.95
C ALA D 327 7.63 -24.93 0.93
N TRP D 328 7.05 -24.52 -0.18
CA TRP D 328 5.62 -24.52 -0.35
C TRP D 328 5.31 -25.35 -1.60
N LYS D 329 4.10 -25.83 -1.69
CA LYS D 329 3.68 -26.58 -2.84
C LYS D 329 2.28 -26.04 -3.13
N ILE D 330 1.83 -26.24 -4.36
CA ILE D 330 0.50 -25.78 -4.71
C ILE D 330 -0.43 -26.83 -4.12
N ASN D 331 -1.59 -26.41 -3.68
CA ASN D 331 -2.56 -27.35 -3.13
C ASN D 331 -3.41 -27.83 -4.32
N LYS D 332 -2.99 -28.91 -4.98
CA LYS D 332 -3.72 -29.44 -6.13
C LYS D 332 -5.24 -29.51 -6.00
N LYS D 333 -5.77 -29.95 -4.85
CA LYS D 333 -7.22 -30.04 -4.67
C LYS D 333 -7.89 -28.65 -4.63
N VAL D 334 -7.31 -27.71 -3.89
CA VAL D 334 -7.89 -26.38 -3.84
C VAL D 334 -7.79 -25.72 -5.21
N LEU D 335 -6.70 -26.01 -5.93
CA LEU D 335 -6.50 -25.45 -7.27
C LEU D 335 -7.60 -26.03 -8.13
N ALA D 336 -7.85 -27.32 -7.97
CA ALA D 336 -8.91 -28.00 -8.71
C ALA D 336 -10.24 -27.27 -8.63
N VAL D 337 -10.73 -26.95 -7.42
CA VAL D 337 -12.00 -26.27 -7.35
C VAL D 337 -11.88 -24.81 -7.80
N ALA D 338 -10.84 -24.12 -7.32
CA ALA D 338 -10.61 -22.72 -7.67
C ALA D 338 -10.56 -22.47 -9.17
N ASN D 339 -10.00 -23.39 -9.93
CA ASN D 339 -9.92 -23.20 -11.38
C ASN D 339 -11.29 -23.09 -12.03
N VAL D 340 -12.19 -24.02 -11.72
CA VAL D 340 -13.54 -24.02 -12.26
C VAL D 340 -14.46 -22.97 -11.64
N ILE D 341 -14.76 -23.13 -10.36
CA ILE D 341 -15.65 -22.23 -9.64
C ILE D 341 -15.47 -20.73 -9.87
N THR D 342 -14.25 -20.29 -10.19
CA THR D 342 -14.02 -18.87 -10.43
C THR D 342 -14.55 -18.47 -11.79
N LYS D 343 -14.90 -19.47 -12.59
CA LYS D 343 -15.44 -19.24 -13.92
C LYS D 343 -16.98 -19.23 -13.91
N TRP D 344 -17.57 -19.98 -13.00
CA TRP D 344 -19.02 -20.07 -12.83
C TRP D 344 -19.70 -18.70 -12.95
N LYS D 345 -20.78 -18.63 -13.71
CA LYS D 345 -21.48 -17.34 -13.84
C LYS D 345 -21.67 -16.87 -12.41
N HIS D 346 -22.43 -17.63 -11.64
CA HIS D 346 -22.68 -17.30 -10.24
C HIS D 346 -21.79 -18.11 -9.32
N CYS D 347 -20.66 -17.53 -8.90
CA CYS D 347 -19.76 -18.22 -7.99
C CYS D 347 -20.39 -18.26 -6.60
N PRO D 348 -20.24 -19.39 -5.88
CA PRO D 348 -20.81 -19.49 -4.53
C PRO D 348 -19.93 -18.80 -3.49
N VAL D 349 -18.73 -18.43 -3.91
CA VAL D 349 -17.80 -17.78 -3.02
C VAL D 349 -18.19 -16.33 -2.86
N GLU D 350 -18.53 -15.97 -1.62
CA GLU D 350 -18.93 -14.62 -1.26
C GLU D 350 -18.50 -13.54 -2.24
N ASP D 351 -17.28 -13.04 -2.06
CA ASP D 351 -16.78 -11.96 -2.91
C ASP D 351 -15.67 -12.34 -3.88
N ILE D 352 -16.06 -12.96 -4.99
CA ILE D 352 -15.11 -13.33 -6.04
C ILE D 352 -15.53 -12.54 -7.28
N PRO D 353 -14.61 -11.76 -7.86
CA PRO D 353 -14.96 -10.99 -9.05
C PRO D 353 -15.48 -11.89 -10.16
N ALA D 354 -16.73 -11.64 -10.57
CA ALA D 354 -17.36 -12.42 -11.61
C ALA D 354 -16.70 -12.17 -12.97
N ILE D 355 -16.90 -13.12 -13.88
CA ILE D 355 -16.33 -13.04 -15.23
C ILE D 355 -16.67 -11.73 -15.95
N GLU D 356 -17.96 -11.52 -16.22
CA GLU D 356 -18.41 -10.32 -16.93
C GLU D 356 -18.97 -9.24 -16.02
N ARG D 357 -19.47 -8.18 -16.65
CA ARG D 357 -20.02 -7.03 -15.94
C ARG D 357 -21.44 -7.24 -15.42
N GLU D 358 -22.25 -6.18 -15.49
CA GLU D 358 -23.62 -6.21 -15.02
C GLU D 358 -24.55 -5.55 -16.05
N GLU D 359 -24.09 -5.53 -17.29
CA GLU D 359 -24.84 -4.97 -18.41
C GLU D 359 -25.61 -3.67 -18.15
N LEU D 360 -24.96 -2.55 -18.42
CA LEU D 360 -25.53 -1.21 -18.26
C LEU D 360 -26.17 -0.92 -16.90
N PRO D 361 -25.87 0.26 -16.33
CA PRO D 361 -26.44 0.66 -15.03
C PRO D 361 -27.95 0.84 -15.11
N TRP D 377 -32.58 7.01 -13.75
CA TRP D 377 -32.06 5.75 -13.23
C TRP D 377 -30.59 5.83 -12.86
N LYS D 378 -29.62 6.01 -13.57
CA LYS D 378 -28.32 6.68 -13.53
C LYS D 378 -27.98 7.24 -12.15
N ARG D 379 -29.18 6.72 -12.19
CA ARG D 379 -29.45 7.70 -11.14
C ARG D 379 -28.45 7.45 -10.03
N ALA D 380 -28.91 6.84 -8.94
CA ALA D 380 -28.04 6.52 -7.82
C ALA D 380 -27.52 5.11 -8.12
N ALA D 381 -28.02 4.57 -9.23
CA ALA D 381 -27.64 3.23 -9.68
C ALA D 381 -26.77 3.31 -10.93
N ALA D 382 -25.79 4.22 -10.89
CA ALA D 382 -24.88 4.39 -12.00
C ALA D 382 -23.48 4.22 -11.43
N ALA D 383 -23.42 3.88 -10.14
CA ALA D 383 -22.16 3.68 -9.45
C ALA D 383 -21.41 2.50 -10.07
N VAL D 384 -22.10 1.78 -10.95
CA VAL D 384 -21.53 0.63 -11.64
C VAL D 384 -20.13 0.96 -12.17
N TYR D 385 -20.00 2.08 -12.85
CA TYR D 385 -18.71 2.52 -13.39
C TYR D 385 -17.65 2.42 -12.30
N ARG D 386 -18.08 2.54 -11.05
CA ARG D 386 -17.20 2.45 -9.89
C ARG D 386 -16.95 0.99 -9.52
N LYS D 387 -18.04 0.29 -9.23
CA LYS D 387 -18.01 -1.12 -8.84
C LYS D 387 -17.36 -2.05 -9.87
N ASP D 388 -17.64 -1.84 -11.16
CA ASP D 388 -17.06 -2.70 -12.19
C ASP D 388 -15.59 -2.39 -12.40
N LYS D 389 -15.20 -1.17 -12.05
CA LYS D 389 -13.81 -0.75 -12.17
C LYS D 389 -13.02 -1.69 -11.27
N ALA D 390 -13.49 -1.81 -10.03
CA ALA D 390 -12.88 -2.66 -9.02
C ALA D 390 -12.88 -4.12 -9.46
N ARG D 391 -14.04 -4.61 -9.89
CA ARG D 391 -14.18 -5.98 -10.32
C ARG D 391 -13.15 -6.36 -11.38
N LYS D 392 -13.10 -5.60 -12.46
CA LYS D 392 -12.19 -5.87 -13.56
C LYS D 392 -10.71 -5.93 -13.12
N SER D 393 -10.36 -5.14 -12.10
CA SER D 393 -8.99 -5.11 -11.57
C SER D 393 -8.79 -6.21 -10.53
N ARG D 394 -9.84 -6.47 -9.75
CA ARG D 394 -9.81 -7.50 -8.74
C ARG D 394 -9.74 -8.81 -9.50
N ARG D 395 -10.29 -8.80 -10.71
CA ARG D 395 -10.31 -9.96 -11.58
C ARG D 395 -8.95 -10.20 -12.23
N ILE D 396 -8.26 -9.12 -12.59
CA ILE D 396 -6.95 -9.23 -13.21
C ILE D 396 -5.97 -10.03 -12.33
N SER D 397 -5.92 -9.67 -11.05
CA SER D 397 -5.01 -10.33 -10.13
C SER D 397 -5.42 -11.77 -9.87
N LEU D 398 -6.72 -12.01 -9.84
CA LEU D 398 -7.23 -13.34 -9.58
C LEU D 398 -6.77 -14.26 -10.68
N GLU D 399 -6.82 -13.79 -11.92
CA GLU D 399 -6.40 -14.64 -13.03
C GLU D 399 -4.89 -14.79 -13.06
N PHE D 400 -4.18 -13.77 -12.56
CA PHE D 400 -2.73 -13.82 -12.52
C PHE D 400 -2.29 -14.80 -11.44
N MET D 401 -2.94 -14.72 -10.28
CA MET D 401 -2.62 -15.58 -9.17
C MET D 401 -2.93 -17.02 -9.57
N LEU D 402 -4.06 -17.19 -10.25
CA LEU D 402 -4.50 -18.49 -10.69
C LEU D 402 -3.58 -19.06 -11.75
N GLU D 403 -3.06 -18.20 -12.62
CA GLU D 403 -2.16 -18.67 -13.67
C GLU D 403 -0.82 -19.09 -13.06
N GLN D 404 -0.39 -18.38 -12.03
CA GLN D 404 0.85 -18.71 -11.34
C GLN D 404 0.67 -20.04 -10.61
N ALA D 405 -0.47 -20.22 -9.96
CA ALA D 405 -0.74 -21.45 -9.26
C ALA D 405 -0.68 -22.63 -10.21
N ASN D 406 -1.33 -22.54 -11.36
CA ASN D 406 -1.30 -23.66 -12.30
C ASN D 406 0.06 -23.81 -12.92
N LYS D 407 0.77 -22.72 -13.06
CA LYS D 407 2.09 -22.78 -13.62
C LYS D 407 3.00 -23.54 -12.68
N PHE D 408 2.76 -23.42 -11.38
CA PHE D 408 3.62 -24.08 -10.42
C PHE D 408 3.09 -25.31 -9.74
N ALA D 409 1.92 -25.78 -10.17
CA ALA D 409 1.37 -27.02 -9.65
C ALA D 409 2.35 -28.07 -10.16
N ASN D 410 2.32 -29.27 -9.63
CA ASN D 410 3.26 -30.29 -10.12
C ASN D 410 4.70 -30.15 -9.64
N HIS D 411 5.17 -28.93 -9.39
CA HIS D 411 6.53 -28.81 -8.88
C HIS D 411 6.51 -29.41 -7.46
N LYS D 412 7.55 -30.17 -7.12
CA LYS D 412 7.63 -30.78 -5.81
C LYS D 412 7.55 -29.72 -4.71
N ALA D 413 8.02 -28.52 -5.02
CA ALA D 413 8.00 -27.44 -4.06
C ALA D 413 8.40 -26.13 -4.73
N ILE D 414 8.04 -25.02 -4.09
CA ILE D 414 8.41 -23.70 -4.59
C ILE D 414 8.77 -22.85 -3.36
N TRP D 415 9.57 -21.80 -3.57
CA TRP D 415 10.02 -20.94 -2.49
C TRP D 415 9.81 -19.50 -2.88
N PHE D 416 9.82 -18.63 -1.89
CA PHE D 416 9.60 -17.21 -2.11
C PHE D 416 10.74 -16.39 -1.51
N PRO D 417 11.49 -15.67 -2.35
CA PRO D 417 12.54 -14.90 -1.71
C PRO D 417 11.86 -13.86 -0.81
N TYR D 418 12.56 -13.37 0.21
CA TYR D 418 11.98 -12.38 1.11
C TYR D 418 12.92 -11.18 1.32
N ASN D 419 12.31 -10.04 1.64
CA ASN D 419 13.07 -8.85 1.97
C ASN D 419 12.18 -8.00 2.88
N MET D 420 12.57 -6.76 3.15
CA MET D 420 11.80 -5.96 4.08
C MET D 420 11.58 -4.54 3.64
N ASP D 421 10.53 -3.91 4.17
CA ASP D 421 10.31 -2.53 3.87
C ASP D 421 11.21 -1.81 4.90
N TRP D 422 11.34 -0.50 4.82
CA TRP D 422 12.25 0.17 5.74
C TRP D 422 11.99 0.09 7.25
N ARG D 423 10.81 -0.37 7.68
CA ARG D 423 10.55 -0.51 9.11
C ARG D 423 11.02 -1.91 9.50
N GLY D 424 11.28 -2.71 8.47
CA GLY D 424 11.75 -4.06 8.68
C GLY D 424 10.70 -5.14 8.58
N ARG D 425 9.47 -4.81 8.20
CA ARG D 425 8.47 -5.86 8.09
C ARG D 425 8.87 -6.77 6.92
N VAL D 426 8.51 -8.05 6.99
CA VAL D 426 8.91 -9.01 5.98
C VAL D 426 7.90 -9.24 4.89
N TYR D 427 8.34 -9.15 3.64
CA TYR D 427 7.43 -9.35 2.50
C TYR D 427 8.05 -10.28 1.50
N ALA D 428 7.21 -11.10 0.90
CA ALA D 428 7.66 -12.02 -0.12
C ALA D 428 7.88 -11.09 -1.28
N VAL D 429 8.85 -11.41 -2.12
CA VAL D 429 9.16 -10.58 -3.27
C VAL D 429 8.27 -10.83 -4.47
N SER D 430 7.91 -12.08 -4.73
CA SER D 430 7.09 -12.38 -5.90
C SER D 430 5.63 -12.05 -5.73
N MET D 431 5.03 -11.52 -6.80
CA MET D 431 3.64 -11.13 -6.83
C MET D 431 2.73 -12.20 -6.23
N PHE D 432 3.02 -13.46 -6.53
CA PHE D 432 2.24 -14.59 -6.01
C PHE D 432 2.99 -15.03 -4.75
N ASN D 433 2.30 -15.11 -3.62
CA ASN D 433 2.99 -15.52 -2.38
C ASN D 433 2.07 -15.87 -1.25
N PRO D 434 2.63 -16.51 -0.22
CA PRO D 434 1.84 -16.93 0.95
C PRO D 434 1.17 -15.80 1.71
N GLN D 435 1.35 -14.56 1.29
CA GLN D 435 0.76 -13.44 2.01
C GLN D 435 -0.42 -12.84 1.26
N GLY D 436 -0.84 -13.50 0.19
CA GLY D 436 -1.94 -12.98 -0.61
C GLY D 436 -3.30 -13.14 0.02
N ASN D 437 -4.36 -12.96 -0.79
CA ASN D 437 -5.71 -13.09 -0.30
C ASN D 437 -6.10 -14.52 0.03
N ASP D 438 -7.38 -14.72 0.32
CA ASP D 438 -7.89 -16.03 0.68
C ASP D 438 -7.65 -17.06 -0.39
N MET D 439 -7.99 -16.73 -1.63
CA MET D 439 -7.80 -17.69 -2.70
C MET D 439 -6.32 -18.02 -2.88
N THR D 440 -5.48 -17.01 -2.77
CA THR D 440 -4.06 -17.25 -2.90
C THR D 440 -3.59 -18.18 -1.80
N LYS D 441 -3.93 -17.83 -0.57
CA LYS D 441 -3.54 -18.60 0.60
C LYS D 441 -4.04 -20.02 0.49
N GLY D 442 -5.22 -20.20 -0.11
CA GLY D 442 -5.76 -21.53 -0.26
C GLY D 442 -5.10 -22.34 -1.35
N LEU D 443 -4.49 -21.67 -2.31
CA LEU D 443 -3.80 -22.36 -3.38
C LEU D 443 -2.43 -22.83 -2.89
N LEU D 444 -1.95 -22.19 -1.83
CA LEU D 444 -0.65 -22.52 -1.30
C LEU D 444 -0.68 -23.31 -0.02
N THR D 445 0.17 -24.33 0.06
CA THR D 445 0.27 -25.14 1.25
C THR D 445 1.74 -25.46 1.41
N LEU D 446 2.15 -25.85 2.61
CA LEU D 446 3.55 -26.15 2.84
C LEU D 446 3.94 -27.50 2.23
N ALA D 447 5.15 -27.56 1.69
CA ALA D 447 5.64 -28.78 1.06
C ALA D 447 6.08 -29.85 2.08
N LYS D 448 6.72 -29.45 3.18
CA LYS D 448 7.17 -30.43 4.16
C LYS D 448 6.18 -30.66 5.30
N GLY D 449 5.35 -31.67 5.16
CA GLY D 449 4.38 -31.99 6.19
C GLY D 449 4.93 -33.06 7.09
N LYS D 450 4.13 -33.48 8.04
CA LYS D 450 4.52 -34.51 9.00
C LYS D 450 3.25 -35.16 9.47
N PRO D 451 3.34 -36.37 10.04
CA PRO D 451 2.11 -37.01 10.55
C PRO D 451 1.46 -35.94 11.43
N ILE D 452 0.19 -35.67 11.25
CA ILE D 452 -0.44 -34.61 12.02
C ILE D 452 -0.45 -34.82 13.52
N GLY D 453 -0.79 -36.00 13.99
CA GLY D 453 -0.79 -36.27 15.42
C GLY D 453 -1.94 -35.65 16.20
N LYS D 454 -2.02 -36.04 17.47
CA LYS D 454 -3.07 -35.58 18.39
C LYS D 454 -3.15 -34.08 18.47
N GLU D 455 -2.03 -33.45 18.79
CA GLU D 455 -2.02 -31.98 18.90
C GLU D 455 -2.23 -31.32 17.54
N GLY D 456 -1.54 -31.83 16.54
CA GLY D 456 -1.67 -31.31 15.20
C GLY D 456 -3.13 -31.31 14.78
N TYR D 457 -3.83 -32.41 15.06
CA TYR D 457 -5.24 -32.51 14.69
C TYR D 457 -6.07 -31.46 15.40
N TYR D 458 -5.83 -31.33 16.70
CA TYR D 458 -6.53 -30.36 17.50
C TYR D 458 -6.39 -28.96 16.88
N TRP D 459 -5.15 -28.52 16.70
CA TRP D 459 -4.92 -27.21 16.13
C TRP D 459 -5.48 -27.13 14.73
N LEU D 460 -5.46 -28.25 14.00
CA LEU D 460 -6.02 -28.23 12.66
C LEU D 460 -7.51 -27.84 12.80
N LYS D 461 -8.18 -28.40 13.80
CA LYS D 461 -9.59 -28.08 14.01
C LYS D 461 -9.74 -26.62 14.45
N ILE D 462 -8.81 -26.14 15.28
CA ILE D 462 -8.87 -24.73 15.67
C ILE D 462 -8.75 -23.88 14.41
N HIS D 463 -7.76 -24.21 13.58
CA HIS D 463 -7.56 -23.47 12.34
C HIS D 463 -8.86 -23.45 11.52
N GLY D 464 -9.46 -24.62 11.33
CA GLY D 464 -10.69 -24.71 10.56
C GLY D 464 -11.80 -23.84 11.13
N ALA D 465 -11.92 -23.82 12.46
CA ALA D 465 -12.91 -23.01 13.13
C ALA D 465 -12.59 -21.57 12.77
N ASN D 466 -11.31 -21.21 12.87
CA ASN D 466 -10.86 -19.88 12.52
C ASN D 466 -11.18 -19.53 11.08
N CYS D 467 -10.92 -20.45 10.15
CA CYS D 467 -11.20 -20.16 8.74
C CYS D 467 -12.69 -19.98 8.51
N ALA D 468 -13.49 -20.56 9.40
CA ALA D 468 -14.94 -20.46 9.27
C ALA D 468 -15.44 -19.16 9.88
N GLY D 469 -14.62 -18.58 10.75
CA GLY D 469 -15.01 -17.34 11.40
C GLY D 469 -15.32 -17.55 12.87
N VAL D 470 -15.50 -18.80 13.27
CA VAL D 470 -15.79 -19.10 14.66
C VAL D 470 -14.47 -18.92 15.34
N ASP D 471 -14.10 -17.70 15.66
CA ASP D 471 -12.80 -17.46 16.28
C ASP D 471 -12.77 -16.51 17.47
N LYS D 472 -13.92 -15.92 17.80
CA LYS D 472 -13.98 -15.01 18.92
C LYS D 472 -14.65 -15.74 20.07
N VAL D 473 -14.29 -17.01 20.20
CA VAL D 473 -14.84 -17.84 21.24
C VAL D 473 -13.74 -18.78 21.75
N PRO D 474 -13.79 -19.18 23.03
CA PRO D 474 -12.73 -20.08 23.53
C PRO D 474 -12.54 -21.33 22.65
N PHE D 475 -11.37 -21.96 22.80
CA PHE D 475 -11.03 -23.13 22.00
C PHE D 475 -12.01 -24.27 22.04
N PRO D 476 -12.51 -24.62 23.25
CA PRO D 476 -13.48 -25.71 23.34
C PRO D 476 -14.68 -25.46 22.43
N GLU D 477 -15.14 -24.21 22.33
CA GLU D 477 -16.30 -23.94 21.48
C GLU D 477 -15.94 -24.01 19.99
N ARG D 478 -14.67 -23.87 19.64
CA ARG D 478 -14.25 -23.93 18.24
C ARG D 478 -14.19 -25.37 17.78
N ILE D 479 -13.65 -26.22 18.64
CA ILE D 479 -13.54 -27.64 18.35
C ILE D 479 -14.94 -28.19 18.18
N LYS D 480 -15.84 -27.76 19.06
CA LYS D 480 -17.22 -28.21 19.03
C LYS D 480 -17.84 -27.81 17.71
N PHE D 481 -17.51 -26.60 17.26
CA PHE D 481 -18.04 -26.11 16.01
C PHE D 481 -17.66 -27.06 14.91
N ILE D 482 -16.40 -27.47 14.89
CA ILE D 482 -15.92 -28.37 13.85
C ILE D 482 -16.50 -29.77 13.96
N GLU D 483 -16.48 -30.32 15.16
CA GLU D 483 -16.97 -31.68 15.39
C GLU D 483 -18.45 -31.78 15.09
N GLU D 484 -19.18 -30.76 15.49
CA GLU D 484 -20.60 -30.77 15.25
C GLU D 484 -20.94 -30.38 13.83
N ASN D 485 -19.92 -30.29 12.99
CA ASN D 485 -20.11 -29.96 11.59
C ASN D 485 -19.38 -30.99 10.76
N HIS D 486 -18.98 -32.05 11.46
CA HIS D 486 -18.28 -33.15 10.85
C HIS D 486 -18.79 -33.45 9.44
N GLU D 487 -20.05 -33.87 9.32
CA GLU D 487 -20.64 -34.22 8.02
C GLU D 487 -20.58 -33.14 6.96
N ASN D 488 -20.76 -31.89 7.38
CA ASN D 488 -20.67 -30.77 6.45
C ASN D 488 -19.27 -30.74 5.85
N ILE D 489 -18.26 -30.78 6.74
CA ILE D 489 -16.87 -30.75 6.32
C ILE D 489 -16.52 -31.91 5.37
N MET D 490 -16.87 -33.14 5.76
CA MET D 490 -16.61 -34.33 4.92
C MET D 490 -17.27 -34.18 3.56
N ALA D 491 -18.46 -33.57 3.56
CA ALA D 491 -19.23 -33.36 2.33
C ALA D 491 -18.51 -32.43 1.38
N CYS D 492 -18.08 -31.28 1.89
CA CYS D 492 -17.36 -30.31 1.10
C CYS D 492 -16.08 -30.94 0.59
N ALA D 493 -15.53 -31.85 1.40
CA ALA D 493 -14.31 -32.54 1.06
C ALA D 493 -14.55 -33.53 -0.08
N LYS D 494 -15.63 -34.31 0.05
CA LYS D 494 -16.03 -35.32 -0.93
C LYS D 494 -16.42 -34.69 -2.28
N SER D 495 -17.26 -33.67 -2.23
CA SER D 495 -17.71 -33.00 -3.46
C SER D 495 -17.80 -31.48 -3.30
N PRO D 496 -16.66 -30.80 -3.33
CA PRO D 496 -16.63 -29.34 -3.19
C PRO D 496 -17.53 -28.56 -4.15
N LEU D 497 -17.57 -28.95 -5.43
CA LEU D 497 -18.43 -28.24 -6.38
C LEU D 497 -19.90 -28.65 -6.32
N GLU D 498 -20.28 -29.41 -5.28
CA GLU D 498 -21.66 -29.84 -5.08
C GLU D 498 -22.08 -29.48 -3.66
N ASN D 499 -21.14 -29.62 -2.75
CA ASN D 499 -21.37 -29.29 -1.36
C ASN D 499 -20.51 -28.07 -1.10
N THR D 500 -21.07 -26.91 -1.44
CA THR D 500 -20.37 -25.67 -1.32
C THR D 500 -20.62 -24.91 -0.01
N TRP D 501 -20.82 -25.64 1.08
CA TRP D 501 -21.02 -24.98 2.36
C TRP D 501 -19.73 -24.21 2.73
N TRP D 502 -18.60 -24.67 2.20
CA TRP D 502 -17.31 -24.05 2.45
C TRP D 502 -17.15 -22.68 1.78
N ALA D 503 -17.76 -22.50 0.62
CA ALA D 503 -17.63 -21.21 -0.07
C ALA D 503 -18.36 -20.16 0.76
N GLU D 504 -19.28 -20.62 1.58
CA GLU D 504 -20.05 -19.74 2.42
C GLU D 504 -19.25 -19.14 3.58
N GLN D 505 -18.15 -19.78 3.95
CA GLN D 505 -17.35 -19.28 5.07
C GLN D 505 -16.52 -18.01 4.81
N ASP D 506 -15.90 -17.49 5.85
CA ASP D 506 -15.08 -16.28 5.75
C ASP D 506 -13.87 -16.47 4.86
N SER D 507 -13.08 -17.51 5.12
CA SER D 507 -11.90 -17.82 4.32
C SER D 507 -12.30 -19.09 3.63
N PRO D 508 -13.20 -18.97 2.65
CA PRO D 508 -13.63 -20.19 1.96
C PRO D 508 -12.54 -21.09 1.42
N PHE D 509 -11.59 -20.56 0.67
CA PHE D 509 -10.56 -21.45 0.13
C PHE D 509 -9.65 -22.03 1.19
N CYS D 510 -9.36 -21.24 2.22
CA CYS D 510 -8.53 -21.74 3.28
C CYS D 510 -9.35 -22.70 4.12
N PHE D 511 -10.65 -22.46 4.19
CA PHE D 511 -11.50 -23.35 4.95
C PHE D 511 -11.61 -24.67 4.18
N LEU D 512 -11.83 -24.56 2.87
CA LEU D 512 -11.91 -25.74 2.01
C LEU D 512 -10.60 -26.51 2.16
N ALA D 513 -9.50 -25.78 2.11
CA ALA D 513 -8.19 -26.38 2.26
C ALA D 513 -8.25 -27.20 3.53
N PHE D 514 -8.83 -26.64 4.58
CA PHE D 514 -8.94 -27.37 5.83
C PHE D 514 -9.88 -28.58 5.74
N CYS D 515 -10.98 -28.47 5.00
CA CYS D 515 -11.89 -29.61 4.90
C CYS D 515 -11.19 -30.82 4.28
N PHE D 516 -10.39 -30.57 3.25
CA PHE D 516 -9.64 -31.63 2.58
C PHE D 516 -8.72 -32.32 3.59
N GLU D 517 -7.92 -31.53 4.30
CA GLU D 517 -7.01 -32.07 5.31
C GLU D 517 -7.81 -32.79 6.36
N TYR D 518 -8.90 -32.18 6.79
CA TYR D 518 -9.73 -32.81 7.81
C TYR D 518 -10.27 -34.15 7.34
N ALA D 519 -10.82 -34.17 6.12
CA ALA D 519 -11.34 -35.39 5.54
C ALA D 519 -10.20 -36.39 5.48
N GLY D 520 -9.00 -35.89 5.18
CA GLY D 520 -7.83 -36.74 5.12
C GLY D 520 -7.55 -37.40 6.46
N VAL D 521 -7.63 -36.65 7.54
CA VAL D 521 -7.39 -37.22 8.85
C VAL D 521 -8.44 -38.31 9.11
N GLN D 522 -9.66 -38.11 8.62
CA GLN D 522 -10.72 -39.13 8.83
C GLN D 522 -10.39 -40.42 8.07
N HIS D 523 -9.98 -40.28 6.83
CA HIS D 523 -9.62 -41.46 6.05
C HIS D 523 -8.35 -42.17 6.52
N HIS D 524 -7.43 -41.46 7.18
CA HIS D 524 -6.18 -42.09 7.60
C HIS D 524 -5.73 -42.08 9.05
N GLY D 525 -6.41 -41.35 9.91
CA GLY D 525 -6.02 -41.31 11.30
C GLY D 525 -4.90 -40.32 11.58
N LEU D 526 -4.58 -40.16 12.84
CA LEU D 526 -3.56 -39.25 13.29
C LEU D 526 -2.19 -39.38 12.65
N SER D 527 -2.01 -40.41 11.83
CA SER D 527 -0.74 -40.63 11.16
C SER D 527 -0.67 -39.81 9.90
N TYR D 528 -1.83 -39.28 9.50
CA TYR D 528 -1.89 -38.48 8.30
C TYR D 528 -0.80 -37.41 8.24
N ASN D 529 -0.10 -37.42 7.11
CA ASN D 529 0.95 -36.46 6.90
C ASN D 529 0.21 -35.21 6.45
N CYS D 530 0.34 -34.13 7.20
CA CYS D 530 -0.35 -32.89 6.87
C CYS D 530 0.62 -31.71 6.79
N SER D 531 0.42 -30.82 5.84
CA SER D 531 1.33 -29.68 5.70
C SER D 531 0.58 -28.39 5.56
N LEU D 532 -0.69 -28.41 5.96
CA LEU D 532 -1.52 -27.23 5.86
C LEU D 532 -1.02 -26.12 6.78
N PRO D 533 -0.74 -24.94 6.22
CA PRO D 533 -0.27 -23.89 7.11
C PRO D 533 -1.38 -23.47 8.03
N LEU D 534 -1.21 -23.76 9.32
CA LEU D 534 -2.19 -23.42 10.35
C LEU D 534 -1.82 -22.08 10.95
N ALA D 535 -2.62 -21.07 10.69
CA ALA D 535 -2.37 -19.70 11.14
C ALA D 535 -2.80 -19.24 12.55
N PHE D 536 -1.85 -18.63 13.28
CA PHE D 536 -2.10 -18.04 14.61
C PHE D 536 -1.93 -16.51 14.40
N ASP D 537 -2.98 -15.73 14.58
CA ASP D 537 -2.81 -14.30 14.36
C ASP D 537 -2.97 -13.49 15.64
N GLY D 538 -2.11 -12.49 15.82
CA GLY D 538 -2.25 -11.66 16.99
C GLY D 538 -3.57 -10.92 16.88
N SER D 539 -4.15 -10.59 18.02
CA SER D 539 -5.42 -9.86 18.05
C SER D 539 -5.10 -8.39 18.28
N CYS D 540 -5.16 -7.61 17.20
CA CYS D 540 -4.87 -6.18 17.27
C CYS D 540 -3.45 -5.94 17.79
N SER D 541 -2.47 -6.48 17.08
CA SER D 541 -1.08 -6.39 17.49
C SER D 541 -0.59 -4.97 17.79
N GLY D 542 -1.15 -3.97 17.12
CA GLY D 542 -0.74 -2.61 17.39
C GLY D 542 -0.86 -2.34 18.89
N ILE D 543 -2.05 -2.51 19.44
CA ILE D 543 -2.24 -2.30 20.87
C ILE D 543 -1.44 -3.30 21.70
N GLN D 544 -1.37 -4.56 21.27
CA GLN D 544 -0.61 -5.53 22.04
C GLN D 544 0.77 -4.97 22.30
N HIS D 545 1.48 -4.61 21.23
CA HIS D 545 2.83 -4.06 21.36
C HIS D 545 2.87 -2.84 22.26
N PHE D 546 1.87 -1.98 22.14
CA PHE D 546 1.82 -0.82 22.99
C PHE D 546 1.69 -1.24 24.45
N SER D 547 0.76 -2.15 24.70
CA SER D 547 0.54 -2.62 26.07
C SER D 547 1.79 -3.29 26.64
N ALA D 548 2.42 -4.13 25.84
CA ALA D 548 3.60 -4.83 26.30
C ALA D 548 4.70 -3.87 26.70
N MET D 549 5.11 -3.03 25.76
CA MET D 549 6.19 -2.08 26.05
C MET D 549 5.84 -1.07 27.15
N LEU D 550 4.56 -0.92 27.46
CA LEU D 550 4.14 0.00 28.52
C LEU D 550 3.70 -0.77 29.77
N ARG D 551 3.62 -2.09 29.62
CA ARG D 551 3.21 -2.97 30.71
C ARG D 551 1.79 -2.58 31.09
N ASP D 552 1.04 -2.05 30.14
CA ASP D 552 -0.33 -1.63 30.41
C ASP D 552 -1.28 -2.80 30.51
N GLU D 553 -1.73 -3.08 31.73
CA GLU D 553 -2.67 -4.17 31.99
C GLU D 553 -4.05 -3.85 31.46
N VAL D 554 -4.43 -2.58 31.51
CA VAL D 554 -5.75 -2.23 31.03
C VAL D 554 -5.84 -2.59 29.56
N GLY D 555 -4.93 -2.03 28.77
CA GLY D 555 -4.93 -2.33 27.34
C GLY D 555 -4.68 -3.81 27.13
N GLY D 556 -3.64 -4.32 27.77
CA GLY D 556 -3.32 -5.73 27.64
C GLY D 556 -4.54 -6.62 27.70
N ARG D 557 -5.36 -6.41 28.70
CA ARG D 557 -6.55 -7.23 28.84
C ARG D 557 -7.37 -7.20 27.57
N ALA D 558 -7.67 -6.00 27.07
CA ALA D 558 -8.47 -5.90 25.86
C ALA D 558 -7.93 -6.68 24.67
N VAL D 559 -6.61 -6.78 24.56
CA VAL D 559 -6.02 -7.48 23.44
C VAL D 559 -5.41 -8.82 23.79
N ASN D 560 -6.05 -9.48 24.73
CA ASN D 560 -5.67 -10.81 25.20
C ASN D 560 -4.24 -11.03 25.63
N LEU D 561 -3.60 -10.02 26.19
CA LEU D 561 -2.24 -10.21 26.64
C LEU D 561 -2.21 -10.86 27.99
N LEU D 562 -3.39 -11.26 28.47
CA LEU D 562 -3.53 -11.91 29.78
C LEU D 562 -4.38 -13.15 29.72
N PRO D 563 -4.05 -14.17 30.51
CA PRO D 563 -4.86 -15.39 30.48
C PRO D 563 -6.31 -15.01 30.80
N SER D 564 -7.24 -15.62 30.07
CA SER D 564 -8.66 -15.34 30.24
C SER D 564 -9.52 -16.49 29.72
N GLU D 565 -10.61 -16.77 30.41
CA GLU D 565 -11.49 -17.86 30.01
C GLU D 565 -12.21 -17.46 28.74
N THR D 566 -12.65 -16.21 28.72
CA THR D 566 -13.38 -15.67 27.59
C THR D 566 -12.37 -14.99 26.65
N VAL D 567 -12.75 -14.79 25.39
CA VAL D 567 -11.85 -14.16 24.44
C VAL D 567 -12.13 -12.66 24.25
N GLN D 568 -11.18 -11.83 24.65
CA GLN D 568 -11.34 -10.39 24.53
C GLN D 568 -11.20 -9.91 23.09
N ASP D 569 -12.07 -9.00 22.69
CA ASP D 569 -12.05 -8.43 21.36
C ASP D 569 -12.28 -6.93 21.49
N ILE D 570 -11.19 -6.18 21.47
CA ILE D 570 -11.25 -4.74 21.62
C ILE D 570 -12.22 -4.04 20.66
N TYR D 571 -12.42 -4.60 19.48
CA TYR D 571 -13.33 -3.95 18.54
C TYR D 571 -14.76 -4.18 19.00
N GLY D 572 -15.05 -5.38 19.48
CA GLY D 572 -16.38 -5.67 19.96
C GLY D 572 -16.67 -4.82 21.17
N ILE D 573 -15.65 -4.63 22.00
CA ILE D 573 -15.79 -3.81 23.18
C ILE D 573 -16.26 -2.44 22.75
N VAL D 574 -15.43 -1.76 21.95
CA VAL D 574 -15.76 -0.44 21.44
C VAL D 574 -17.14 -0.44 20.80
N ALA D 575 -17.51 -1.56 20.20
CA ALA D 575 -18.82 -1.67 19.55
C ALA D 575 -19.95 -1.62 20.57
N LYS D 576 -19.77 -2.26 21.72
CA LYS D 576 -20.80 -2.25 22.76
C LYS D 576 -21.00 -0.83 23.27
N LYS D 577 -19.89 -0.18 23.64
CA LYS D 577 -19.94 1.19 24.14
C LYS D 577 -20.70 2.06 23.16
N VAL D 578 -20.38 1.91 21.87
CA VAL D 578 -21.04 2.67 20.81
C VAL D 578 -22.53 2.37 20.85
N ASN D 579 -22.88 1.12 21.10
CA ASN D 579 -24.29 0.76 21.15
C ASN D 579 -25.01 1.36 22.35
N GLU D 580 -24.35 1.39 23.51
CA GLU D 580 -24.96 2.00 24.70
C GLU D 580 -25.32 3.42 24.27
N ILE D 581 -24.37 4.09 23.63
CA ILE D 581 -24.58 5.46 23.16
C ILE D 581 -25.80 5.51 22.24
N LEU D 582 -25.71 4.82 21.11
CA LEU D 582 -26.80 4.80 20.15
C LEU D 582 -28.12 4.50 20.84
N GLN D 583 -28.12 3.50 21.72
CA GLN D 583 -29.32 3.14 22.46
C GLN D 583 -29.82 4.34 23.24
N ALA D 584 -28.90 5.01 23.93
CA ALA D 584 -29.23 6.18 24.74
C ALA D 584 -29.73 7.33 23.88
N ASP D 585 -29.02 7.62 22.78
CA ASP D 585 -29.41 8.70 21.88
C ASP D 585 -30.72 8.38 21.16
N ALA D 586 -31.04 7.09 21.10
CA ALA D 586 -32.26 6.65 20.43
C ALA D 586 -33.49 7.27 21.05
N ILE D 587 -33.74 6.98 22.33
CA ILE D 587 -34.92 7.52 22.98
C ILE D 587 -34.82 9.00 23.32
N ASN D 588 -33.65 9.48 23.71
CA ASN D 588 -33.55 10.89 24.05
C ASN D 588 -32.23 11.56 23.68
N GLY D 589 -32.13 11.99 22.41
CA GLY D 589 -30.91 12.64 21.96
C GLY D 589 -31.12 13.60 20.81
N THR D 590 -31.64 14.78 21.12
CA THR D 590 -31.89 15.84 20.13
C THR D 590 -32.66 15.40 18.89
N ASP D 591 -33.15 16.38 18.13
CA ASP D 591 -33.89 16.11 16.91
C ASP D 591 -33.37 16.93 15.74
N ASN D 592 -33.97 16.71 14.58
CA ASN D 592 -33.56 17.37 13.35
C ASN D 592 -33.90 18.87 13.29
N GLU D 593 -32.94 19.67 12.82
CA GLU D 593 -33.13 21.12 12.69
C GLU D 593 -33.03 21.47 11.21
N VAL D 594 -34.04 22.14 10.68
CA VAL D 594 -34.06 22.53 9.26
C VAL D 594 -34.12 21.28 8.38
N VAL D 609 -32.97 20.63 8.22
CA VAL D 609 -32.84 19.41 7.42
C VAL D 609 -31.81 18.48 8.04
N LYS D 610 -30.73 19.09 8.54
CA LYS D 610 -29.63 18.36 9.17
C LYS D 610 -30.07 17.40 10.26
N LEU D 611 -30.05 16.11 9.93
CA LEU D 611 -30.45 15.06 10.86
C LEU D 611 -29.72 15.18 12.20
N GLY D 612 -30.48 15.33 13.27
CA GLY D 612 -29.87 15.42 14.58
C GLY D 612 -29.63 14.02 15.07
N THR D 613 -29.30 13.86 16.34
CA THR D 613 -29.06 12.53 16.89
C THR D 613 -30.41 11.85 17.01
N LYS D 614 -30.50 10.75 17.76
CA LYS D 614 -31.76 10.03 17.91
C LYS D 614 -32.16 9.43 16.57
N ALA D 615 -32.50 10.29 15.63
CA ALA D 615 -32.87 9.87 14.29
C ALA D 615 -31.63 9.34 13.59
N LEU D 616 -30.48 9.91 13.94
CA LEU D 616 -29.20 9.50 13.37
C LEU D 616 -28.82 8.15 13.98
N ALA D 617 -29.05 8.00 15.28
CA ALA D 617 -28.73 6.76 15.99
C ALA D 617 -29.66 5.64 15.53
N GLY D 618 -30.94 5.96 15.40
CA GLY D 618 -31.91 4.97 14.95
C GLY D 618 -31.43 4.35 13.67
N GLN D 619 -30.97 5.18 12.74
CA GLN D 619 -30.46 4.74 11.45
C GLN D 619 -29.38 3.66 11.64
N TRP D 620 -28.37 3.98 12.46
CA TRP D 620 -27.29 3.03 12.72
C TRP D 620 -27.84 1.82 13.44
N LEU D 621 -28.83 2.03 14.31
CA LEU D 621 -29.44 0.93 15.03
C LEU D 621 -30.16 0.06 14.02
N ALA D 622 -30.76 0.71 13.04
CA ALA D 622 -31.46 0.02 11.96
C ALA D 622 -30.41 -0.81 11.24
N TYR D 623 -29.24 -0.22 11.05
CA TYR D 623 -28.14 -0.91 10.38
C TYR D 623 -27.79 -2.15 11.22
N GLY D 624 -26.61 -2.17 11.81
CA GLY D 624 -26.23 -3.31 12.60
C GLY D 624 -24.85 -3.15 13.21
N VAL D 625 -24.53 -1.93 13.64
CA VAL D 625 -23.24 -1.61 14.25
C VAL D 625 -22.61 -2.79 14.99
N THR D 626 -21.55 -3.34 14.40
CA THR D 626 -20.84 -4.47 14.98
C THR D 626 -19.34 -4.17 15.07
N ARG D 627 -18.57 -5.13 15.56
CA ARG D 627 -17.14 -4.93 15.69
C ARG D 627 -16.52 -4.42 14.39
N SER D 628 -17.08 -4.87 13.27
CA SER D 628 -16.57 -4.47 11.96
C SER D 628 -16.58 -2.99 11.69
N VAL D 629 -17.62 -2.30 12.12
CA VAL D 629 -17.75 -0.87 11.89
C VAL D 629 -16.70 -0.07 12.64
N THR D 630 -16.32 -0.56 13.82
CA THR D 630 -15.36 0.12 14.68
C THR D 630 -13.90 -0.27 14.48
N LYS D 631 -13.67 -1.42 13.85
CA LYS D 631 -12.33 -1.95 13.63
C LYS D 631 -11.24 -0.92 13.31
N ARG D 632 -11.18 -0.52 12.03
CA ARG D 632 -10.20 0.44 11.56
C ARG D 632 -9.83 1.48 12.60
N SER D 633 -10.85 2.20 13.05
CA SER D 633 -10.68 3.28 14.00
C SER D 633 -10.06 2.89 15.35
N VAL D 634 -10.43 1.73 15.89
CA VAL D 634 -9.87 1.32 17.17
C VAL D 634 -8.40 1.02 16.96
N MET D 635 -8.10 0.40 15.82
CA MET D 635 -6.76 0.01 15.47
C MET D 635 -5.83 1.18 15.13
N THR D 636 -6.36 2.21 14.47
CA THR D 636 -5.55 3.35 14.05
C THR D 636 -5.43 4.49 15.05
N LEU D 637 -6.37 4.61 15.97
CA LEU D 637 -6.35 5.66 16.99
C LEU D 637 -4.93 5.92 17.54
N ALA D 638 -4.36 4.90 18.19
CA ALA D 638 -3.04 4.97 18.78
C ALA D 638 -1.95 5.16 17.73
N TYR D 639 -2.35 5.21 16.47
CA TYR D 639 -1.39 5.45 15.39
C TYR D 639 -1.46 6.91 14.97
N GLY D 640 -2.48 7.60 15.44
CA GLY D 640 -2.61 9.00 15.11
C GLY D 640 -3.91 9.34 14.40
N SER D 641 -4.73 8.33 14.15
CA SER D 641 -5.99 8.58 13.48
C SER D 641 -6.91 9.35 14.43
N LYS D 642 -7.37 10.51 13.98
CA LYS D 642 -8.25 11.35 14.79
C LYS D 642 -9.69 11.15 14.37
N GLU D 643 -10.61 11.79 15.10
CA GLU D 643 -12.03 11.68 14.82
C GLU D 643 -12.34 11.95 13.34
N PHE D 644 -11.68 12.94 12.74
CA PHE D 644 -11.95 13.23 11.34
C PHE D 644 -11.47 12.08 10.47
N GLY D 645 -10.50 11.33 10.97
CA GLY D 645 -10.01 10.19 10.22
C GLY D 645 -11.15 9.19 10.19
N PHE D 646 -11.65 8.85 11.37
CA PHE D 646 -12.74 7.89 11.53
C PHE D 646 -13.89 8.14 10.56
N ARG D 647 -14.28 9.40 10.42
CA ARG D 647 -15.37 9.76 9.52
C ARG D 647 -15.13 9.17 8.14
N GLN D 648 -13.96 9.43 7.57
CA GLN D 648 -13.60 8.93 6.24
C GLN D 648 -13.63 7.41 6.27
N GLN D 649 -13.08 6.84 7.34
CA GLN D 649 -13.03 5.41 7.52
C GLN D 649 -14.42 4.78 7.53
N VAL D 650 -15.25 5.18 8.50
CA VAL D 650 -16.59 4.62 8.58
C VAL D 650 -17.28 4.82 7.23
N LEU D 651 -17.18 6.03 6.71
CA LEU D 651 -17.79 6.39 5.45
C LEU D 651 -17.42 5.40 4.36
N GLU D 652 -16.13 5.30 4.07
CA GLU D 652 -15.65 4.43 3.02
C GLU D 652 -15.64 2.94 3.37
N ASP D 653 -15.28 2.59 4.60
CA ASP D 653 -15.22 1.18 4.99
C ASP D 653 -16.55 0.46 5.19
N THR D 654 -17.57 1.15 5.69
CA THR D 654 -18.87 0.50 5.93
C THR D 654 -20.09 1.16 5.31
N ILE D 655 -20.10 2.48 5.22
CA ILE D 655 -21.24 3.18 4.64
C ILE D 655 -21.23 3.18 3.11
N GLN D 656 -20.16 3.74 2.53
CA GLN D 656 -20.01 3.80 1.09
C GLN D 656 -20.32 2.46 0.41
N PRO D 657 -19.73 1.35 0.91
CA PRO D 657 -19.96 0.02 0.33
C PRO D 657 -21.36 -0.50 0.61
N ALA D 658 -21.81 -0.35 1.86
CA ALA D 658 -23.14 -0.81 2.20
C ALA D 658 -24.13 -0.19 1.20
N ILE D 659 -23.95 1.09 0.94
CA ILE D 659 -24.81 1.81 0.00
C ILE D 659 -24.80 1.15 -1.37
N ASP D 660 -23.61 0.92 -1.90
CA ASP D 660 -23.43 0.29 -3.22
C ASP D 660 -24.23 -0.99 -3.44
N SER D 661 -24.21 -1.89 -2.46
CA SER D 661 -24.96 -3.14 -2.59
C SER D 661 -26.43 -2.92 -2.27
N GLY D 662 -26.75 -1.72 -1.81
CA GLY D 662 -28.13 -1.37 -1.49
C GLY D 662 -28.63 -1.79 -0.12
N LYS D 663 -27.72 -2.19 0.76
CA LYS D 663 -28.10 -2.63 2.10
C LYS D 663 -28.00 -1.48 3.12
N GLY D 664 -27.99 -0.25 2.60
CA GLY D 664 -27.91 0.91 3.46
C GLY D 664 -28.92 1.97 3.09
N LEU D 665 -30.01 1.56 2.43
CA LEU D 665 -31.07 2.47 2.01
C LEU D 665 -31.78 3.06 3.23
N MET D 666 -30.98 3.52 4.16
CA MET D 666 -31.48 4.11 5.40
C MET D 666 -30.39 4.97 6.04
N PHE D 667 -29.67 5.71 5.20
CA PHE D 667 -28.61 6.59 5.69
C PHE D 667 -28.82 8.05 5.25
N THR D 668 -29.67 8.25 4.24
CA THR D 668 -29.98 9.58 3.71
C THR D 668 -28.81 10.55 3.90
N GLN D 669 -27.82 10.42 3.02
CA GLN D 669 -26.59 11.20 3.04
C GLN D 669 -25.62 10.49 3.97
N PRO D 670 -24.62 9.81 3.40
CA PRO D 670 -23.61 9.07 4.16
C PRO D 670 -22.99 9.95 5.24
N ASN D 671 -22.70 11.19 4.89
CA ASN D 671 -22.14 12.12 5.85
C ASN D 671 -23.13 12.19 6.99
N GLN D 672 -22.77 12.88 8.08
CA GLN D 672 -23.62 12.98 9.25
C GLN D 672 -23.68 11.57 9.83
N ALA D 673 -24.25 10.65 9.06
CA ALA D 673 -24.33 9.27 9.47
C ALA D 673 -22.91 8.84 9.83
N ALA D 674 -21.96 9.31 9.02
CA ALA D 674 -20.56 8.98 9.22
C ALA D 674 -19.92 9.82 10.33
N GLY D 675 -20.06 11.13 10.23
CA GLY D 675 -19.49 12.01 11.24
C GLY D 675 -20.01 11.66 12.62
N TYR D 676 -21.27 11.26 12.66
CA TYR D 676 -21.93 10.88 13.89
C TYR D 676 -21.26 9.62 14.42
N MET D 677 -21.17 8.62 13.55
CA MET D 677 -20.55 7.36 13.92
C MET D 677 -19.11 7.61 14.35
N ALA D 678 -18.42 8.46 13.60
CA ALA D 678 -17.03 8.81 13.89
C ALA D 678 -16.86 9.35 15.30
N LYS D 679 -17.85 10.10 15.78
CA LYS D 679 -17.79 10.68 17.12
C LYS D 679 -18.05 9.67 18.22
N LEU D 680 -18.99 8.76 18.02
CA LEU D 680 -19.26 7.77 19.04
C LEU D 680 -18.04 6.90 19.21
N ILE D 681 -17.44 6.51 18.09
CA ILE D 681 -16.25 5.66 18.08
C ILE D 681 -15.08 6.36 18.77
N TRP D 682 -14.95 7.67 18.55
CA TRP D 682 -13.88 8.41 19.16
C TRP D 682 -14.05 8.45 20.67
N GLU D 683 -15.21 8.90 21.12
CA GLU D 683 -15.47 8.99 22.55
C GLU D 683 -15.44 7.62 23.22
N SER D 684 -15.75 6.57 22.46
CA SER D 684 -15.76 5.22 23.00
C SER D 684 -14.36 4.61 22.98
N VAL D 685 -13.66 4.79 21.86
CA VAL D 685 -12.33 4.23 21.71
C VAL D 685 -11.36 4.94 22.65
N SER D 686 -11.62 6.21 22.92
CA SER D 686 -10.76 7.01 23.80
C SER D 686 -10.78 6.49 25.24
N VAL D 687 -11.97 6.19 25.74
CA VAL D 687 -12.12 5.69 27.10
C VAL D 687 -11.59 4.25 27.23
N THR D 688 -10.85 3.79 26.21
CA THR D 688 -10.33 2.42 26.21
C THR D 688 -8.82 2.33 25.95
N VAL D 689 -8.38 3.02 24.90
CA VAL D 689 -6.98 3.02 24.54
C VAL D 689 -6.34 4.28 25.08
N VAL D 690 -5.57 4.16 26.16
CA VAL D 690 -4.96 5.36 26.72
C VAL D 690 -3.46 5.30 26.82
N ALA D 691 -2.92 4.32 27.52
CA ALA D 691 -1.48 4.22 27.65
C ALA D 691 -0.91 4.37 26.25
N ALA D 692 -1.53 3.63 25.33
CA ALA D 692 -1.11 3.65 23.94
C ALA D 692 -1.03 5.09 23.45
N VAL D 693 -2.16 5.82 23.49
CA VAL D 693 -2.16 7.21 23.04
C VAL D 693 -1.07 8.01 23.75
N GLU D 694 -0.83 7.71 25.02
CA GLU D 694 0.21 8.43 25.72
C GLU D 694 1.53 8.11 25.04
N ALA D 695 1.74 6.82 24.78
CA ALA D 695 2.96 6.35 24.13
C ALA D 695 3.10 6.92 22.72
N MET D 696 1.99 7.05 22.02
CA MET D 696 2.02 7.61 20.70
C MET D 696 2.54 9.05 20.80
N ASN D 697 1.83 9.87 21.56
CA ASN D 697 2.19 11.27 21.77
C ASN D 697 3.63 11.45 22.21
N TRP D 698 4.15 10.50 22.99
CA TRP D 698 5.53 10.58 23.42
C TRP D 698 6.41 10.45 22.20
N LEU D 699 6.08 9.50 21.32
CA LEU D 699 6.85 9.30 20.09
C LEU D 699 6.75 10.53 19.19
N LYS D 700 5.54 11.05 19.06
CA LYS D 700 5.31 12.23 18.24
C LYS D 700 6.13 13.42 18.72
N SER D 701 6.26 13.56 20.04
CA SER D 701 7.03 14.65 20.61
C SER D 701 8.47 14.52 20.20
N ALA D 702 8.95 13.28 20.20
CA ALA D 702 10.33 13.00 19.83
C ALA D 702 10.56 13.37 18.38
N ALA D 703 9.66 12.92 17.52
CA ALA D 703 9.77 13.19 16.11
C ALA D 703 9.73 14.71 15.91
N LYS D 704 8.77 15.35 16.57
CA LYS D 704 8.56 16.78 16.49
C LYS D 704 9.82 17.57 16.85
N LEU D 705 10.44 17.24 17.98
CA LEU D 705 11.62 17.96 18.39
C LEU D 705 12.84 17.67 17.55
N LEU D 706 12.83 16.54 16.83
CA LEU D 706 13.99 16.19 16.00
C LEU D 706 13.84 16.77 14.63
N ALA D 707 12.60 16.91 14.20
CA ALA D 707 12.30 17.44 12.88
C ALA D 707 12.45 18.96 12.93
N ALA D 708 12.12 19.53 14.08
CA ALA D 708 12.21 20.98 14.25
C ALA D 708 13.57 21.45 13.80
N GLU D 709 13.65 22.75 13.50
CA GLU D 709 14.89 23.39 13.11
C GLU D 709 15.08 24.45 14.18
N VAL D 710 16.18 24.38 14.92
CA VAL D 710 16.39 25.34 15.98
C VAL D 710 17.27 26.51 15.61
N LYS D 711 16.71 27.71 15.71
CA LYS D 711 17.44 28.92 15.38
C LYS D 711 17.64 29.74 16.65
N ASP D 712 18.83 30.34 16.78
CA ASP D 712 19.16 31.18 17.92
C ASP D 712 18.05 32.23 18.00
N LYS D 713 17.43 32.35 19.16
CA LYS D 713 16.34 33.31 19.35
C LYS D 713 16.70 34.72 18.89
N LYS D 714 17.98 35.06 18.98
CA LYS D 714 18.43 36.40 18.61
C LYS D 714 19.20 36.50 17.30
N THR D 715 20.21 35.67 17.08
CA THR D 715 20.98 35.77 15.85
C THR D 715 20.32 35.17 14.60
N GLY D 716 19.27 34.37 14.79
CA GLY D 716 18.58 33.75 13.67
C GLY D 716 19.37 32.60 13.04
N GLU D 717 20.47 32.23 13.69
CA GLU D 717 21.31 31.14 13.20
C GLU D 717 20.70 29.77 13.48
N ILE D 718 20.91 28.84 12.55
CA ILE D 718 20.42 27.48 12.73
C ILE D 718 21.38 26.89 13.75
N LEU D 719 20.85 26.37 14.85
CA LEU D 719 21.70 25.79 15.86
C LEU D 719 21.74 24.27 15.70
N ARG D 720 20.57 23.69 15.41
CA ARG D 720 20.41 22.27 15.21
C ARG D 720 19.54 22.10 13.95
N LYS D 721 20.08 21.46 12.93
CA LYS D 721 19.37 21.24 11.68
C LYS D 721 18.34 20.13 11.84
N ARG D 722 17.23 20.21 11.11
CA ARG D 722 16.21 19.19 11.19
C ARG D 722 16.91 17.84 11.21
N CYS D 723 16.36 16.88 11.96
CA CYS D 723 16.99 15.57 12.06
C CYS D 723 16.03 14.44 11.81
N ALA D 724 16.57 13.30 11.42
CA ALA D 724 15.77 12.12 11.13
C ALA D 724 15.68 11.25 12.36
N VAL D 725 14.47 10.77 12.66
CA VAL D 725 14.25 9.89 13.82
C VAL D 725 14.92 8.56 13.52
N HIS D 726 15.71 8.06 14.46
CA HIS D 726 16.38 6.80 14.22
C HIS D 726 16.28 5.88 15.45
N TRP D 727 16.16 4.57 15.20
CA TRP D 727 16.07 3.59 16.26
C TRP D 727 16.44 2.20 15.77
N VAL D 728 16.75 1.32 16.72
CA VAL D 728 17.12 -0.06 16.42
C VAL D 728 16.10 -1.01 17.01
N THR D 729 15.58 -1.95 16.23
CA THR D 729 14.60 -2.89 16.78
C THR D 729 15.32 -3.86 17.70
N PRO D 730 14.59 -4.53 18.59
CA PRO D 730 15.22 -5.47 19.52
C PRO D 730 16.09 -6.55 18.88
N ASP D 731 15.79 -6.97 17.65
CA ASP D 731 16.63 -7.99 17.03
C ASP D 731 17.79 -7.39 16.23
N GLY D 732 18.03 -6.09 16.45
CA GLY D 732 19.15 -5.43 15.79
C GLY D 732 18.91 -4.81 14.43
N PHE D 733 17.66 -4.58 14.07
CA PHE D 733 17.37 -3.98 12.78
C PHE D 733 17.26 -2.47 13.00
N PRO D 734 18.14 -1.69 12.35
CA PRO D 734 18.12 -0.23 12.49
C PRO D 734 17.13 0.35 11.48
N VAL D 735 16.34 1.31 11.94
CA VAL D 735 15.33 1.95 11.12
C VAL D 735 15.62 3.46 11.09
N TRP D 736 15.67 4.06 9.90
CA TRP D 736 15.89 5.51 9.77
C TRP D 736 14.67 6.16 9.16
N GLN D 737 13.92 6.88 9.98
CA GLN D 737 12.75 7.55 9.43
C GLN D 737 13.07 8.97 9.03
N GLU D 738 13.13 9.22 7.73
CA GLU D 738 13.39 10.58 7.30
C GLU D 738 12.66 10.87 6.03
N TYR D 739 11.42 11.28 6.20
CA TYR D 739 10.57 11.67 5.12
C TYR D 739 11.16 12.99 4.63
N LYS D 740 10.96 13.33 3.37
CA LYS D 740 11.49 14.57 2.86
C LYS D 740 10.51 15.29 1.95
N LYS D 741 10.32 16.58 2.23
CA LYS D 741 9.42 17.42 1.45
C LYS D 741 10.02 17.42 0.06
N PRO D 742 9.19 17.22 -0.97
CA PRO D 742 9.65 17.20 -2.36
C PRO D 742 10.66 18.27 -2.69
N ILE D 743 11.63 17.89 -3.53
CA ILE D 743 12.68 18.79 -3.98
C ILE D 743 12.13 19.83 -4.97
N GLN D 744 11.71 19.36 -6.14
CA GLN D 744 11.17 20.25 -7.17
C GLN D 744 9.70 20.55 -6.87
N THR D 745 9.43 21.72 -6.29
CA THR D 745 8.06 22.11 -5.97
C THR D 745 7.26 22.10 -7.28
N ARG D 746 6.49 21.04 -7.49
CA ARG D 746 5.70 20.89 -8.70
C ARG D 746 4.50 21.81 -8.80
N LEU D 747 4.14 22.12 -10.04
CA LEU D 747 2.99 22.96 -10.34
C LEU D 747 1.96 22.10 -11.06
N ASN D 748 0.75 22.07 -10.52
CA ASN D 748 -0.33 21.25 -11.09
C ASN D 748 -1.16 22.01 -12.12
N LEU D 749 -0.96 21.70 -13.39
CA LEU D 749 -1.71 22.34 -14.47
C LEU D 749 -2.84 21.42 -14.89
N MET D 750 -4.04 21.68 -14.39
CA MET D 750 -5.22 20.88 -14.71
C MET D 750 -5.22 20.47 -16.18
N PHE D 751 -5.78 19.30 -16.47
CA PHE D 751 -5.85 18.75 -17.82
C PHE D 751 -4.57 18.00 -18.17
N LEU D 752 -3.64 18.66 -18.87
CA LEU D 752 -2.39 18.02 -19.27
C LEU D 752 -1.72 17.24 -18.16
N GLY D 753 -1.98 17.60 -16.91
CA GLY D 753 -1.38 16.87 -15.80
C GLY D 753 -0.50 17.67 -14.87
N GLN D 754 0.46 17.00 -14.26
CA GLN D 754 1.37 17.62 -13.31
C GLN D 754 2.85 17.38 -13.68
N PHE D 755 3.69 18.33 -13.32
CA PHE D 755 5.13 18.22 -13.58
C PHE D 755 5.93 19.05 -12.57
N ARG D 756 7.22 18.72 -12.43
CA ARG D 756 8.11 19.40 -11.50
C ARG D 756 9.02 20.37 -12.24
N LEU D 757 9.99 20.93 -11.52
CA LEU D 757 10.93 21.87 -12.10
C LEU D 757 12.01 22.22 -11.09
N GLN D 758 13.27 22.29 -11.56
CA GLN D 758 14.39 22.63 -10.69
C GLN D 758 14.04 23.88 -9.89
N PRO D 759 14.25 23.85 -8.57
CA PRO D 759 13.94 25.00 -7.71
C PRO D 759 14.51 26.32 -8.24
N THR D 760 13.83 27.41 -7.92
CA THR D 760 14.27 28.73 -8.33
C THR D 760 15.31 29.19 -7.30
N ILE D 761 14.89 29.19 -6.04
CA ILE D 761 15.77 29.58 -4.95
C ILE D 761 16.83 28.50 -4.83
N ASN D 762 18.09 28.91 -4.74
CA ASN D 762 19.18 27.95 -4.62
C ASN D 762 19.24 27.39 -3.19
N THR D 763 18.25 26.57 -2.86
CA THR D 763 18.14 25.91 -1.55
C THR D 763 18.71 24.51 -1.73
N ASN D 764 17.87 23.61 -2.23
CA ASN D 764 18.25 22.23 -2.51
C ASN D 764 19.00 21.56 -1.34
N LYS D 765 20.33 21.66 -1.35
CA LYS D 765 21.17 21.08 -0.30
C LYS D 765 20.95 19.58 -0.14
N ASP D 766 20.26 19.20 0.93
CA ASP D 766 19.97 17.78 1.20
C ASP D 766 18.67 17.40 0.49
N SER D 767 17.60 18.11 0.82
CA SER D 767 16.29 17.89 0.23
C SER D 767 15.20 18.46 1.14
N GLU D 768 15.51 18.56 2.43
CA GLU D 768 14.60 19.10 3.42
C GLU D 768 13.68 18.01 4.01
N ILE D 769 13.79 17.84 5.32
CA ILE D 769 13.00 16.86 6.04
C ILE D 769 11.56 17.35 6.20
N ASP D 770 10.62 16.44 6.07
CA ASP D 770 9.21 16.74 6.19
C ASP D 770 8.77 16.60 7.65
N ALA D 771 8.95 17.66 8.44
CA ALA D 771 8.58 17.63 9.85
C ALA D 771 7.18 17.09 10.12
N HIS D 772 6.27 17.30 9.18
CA HIS D 772 4.90 16.84 9.34
C HIS D 772 4.84 15.33 9.24
N LYS D 773 5.31 14.81 8.12
CA LYS D 773 5.32 13.38 7.88
C LYS D 773 6.08 12.67 9.00
N GLN D 774 7.23 13.24 9.38
CA GLN D 774 8.06 12.66 10.44
C GLN D 774 7.32 12.45 11.73
N GLU D 775 6.30 13.26 11.99
CA GLU D 775 5.55 13.16 13.23
C GLU D 775 4.31 12.27 13.14
N SER D 776 3.67 12.28 11.98
CA SER D 776 2.47 11.49 11.76
C SER D 776 2.76 10.02 11.49
N GLY D 777 4.02 9.72 11.17
CA GLY D 777 4.38 8.34 10.90
C GLY D 777 5.16 7.64 11.99
N ILE D 778 5.93 8.40 12.76
CA ILE D 778 6.72 7.81 13.83
C ILE D 778 5.98 6.76 14.68
N ALA D 779 4.72 6.99 15.04
CA ALA D 779 4.01 6.00 15.87
C ALA D 779 3.83 4.67 15.13
N PRO D 780 3.10 4.68 14.00
CA PRO D 780 2.94 3.40 13.31
C PRO D 780 4.27 2.81 12.82
N ASN D 781 5.17 3.64 12.31
CA ASN D 781 6.41 3.10 11.83
C ASN D 781 7.15 2.40 12.95
N PHE D 782 7.12 3.00 14.14
CA PHE D 782 7.80 2.42 15.31
C PHE D 782 7.20 1.08 15.71
N VAL D 783 5.89 1.09 15.92
CA VAL D 783 5.20 -0.11 16.32
C VAL D 783 5.35 -1.20 15.29
N HIS D 784 5.15 -0.87 14.01
CA HIS D 784 5.29 -1.84 12.94
C HIS D 784 6.69 -2.44 12.89
N SER D 785 7.69 -1.64 13.22
CA SER D 785 9.04 -2.16 13.20
C SER D 785 9.19 -3.06 14.42
N GLN D 786 8.36 -2.83 15.42
CA GLN D 786 8.39 -3.59 16.65
C GLN D 786 7.74 -4.93 16.44
N ASP D 787 6.67 -4.95 15.64
CA ASP D 787 6.02 -6.21 15.36
C ASP D 787 6.90 -6.99 14.37
N GLY D 788 7.48 -6.30 13.39
CA GLY D 788 8.30 -6.99 12.44
C GLY D 788 9.48 -7.66 13.12
N SER D 789 9.94 -7.04 14.19
CA SER D 789 11.09 -7.57 14.92
C SER D 789 10.63 -8.79 15.69
N HIS D 790 9.41 -8.72 16.21
CA HIS D 790 8.85 -9.82 16.97
C HIS D 790 8.66 -10.97 15.98
N LEU D 791 8.27 -10.64 14.75
CA LEU D 791 8.08 -11.68 13.73
C LEU D 791 9.40 -12.38 13.46
N ARG D 792 10.46 -11.60 13.32
CA ARG D 792 11.77 -12.14 13.04
C ARG D 792 12.28 -12.94 14.21
N LYS D 793 12.09 -12.42 15.42
CA LYS D 793 12.56 -13.12 16.61
C LYS D 793 11.82 -14.44 16.78
N THR D 794 10.53 -14.46 16.46
CA THR D 794 9.79 -15.68 16.57
C THR D 794 10.25 -16.70 15.54
N VAL D 795 10.51 -16.24 14.31
CA VAL D 795 10.97 -17.16 13.28
C VAL D 795 12.29 -17.78 13.73
N VAL D 796 13.19 -16.96 14.25
CA VAL D 796 14.48 -17.50 14.66
C VAL D 796 14.40 -18.42 15.88
N TRP D 797 13.52 -18.06 16.80
CA TRP D 797 13.30 -18.78 18.04
C TRP D 797 12.62 -20.12 17.74
N ALA D 798 11.54 -20.09 16.99
CA ALA D 798 10.84 -21.32 16.68
C ALA D 798 11.79 -22.29 15.96
N HIS D 799 12.65 -21.76 15.11
CA HIS D 799 13.57 -22.60 14.35
C HIS D 799 14.69 -23.14 15.21
N GLU D 800 15.33 -22.26 15.97
CA GLU D 800 16.45 -22.63 16.81
C GLU D 800 16.10 -23.33 18.12
N LYS D 801 14.91 -23.08 18.65
CA LYS D 801 14.48 -23.71 19.90
C LYS D 801 13.59 -24.91 19.65
N TYR D 802 12.77 -24.85 18.62
CA TYR D 802 11.88 -25.98 18.36
C TYR D 802 12.16 -26.69 17.06
N GLY D 803 13.19 -26.28 16.34
CA GLY D 803 13.51 -26.92 15.08
C GLY D 803 12.46 -26.84 13.99
N ILE D 804 11.64 -25.81 14.04
CA ILE D 804 10.61 -25.60 13.04
C ILE D 804 11.25 -25.08 11.76
N GLU D 805 10.84 -25.61 10.62
CA GLU D 805 11.42 -25.19 9.35
C GLU D 805 10.45 -24.44 8.48
N SER D 806 9.18 -24.82 8.56
CA SER D 806 8.15 -24.20 7.75
C SER D 806 7.47 -23.02 8.42
N PHE D 807 7.37 -21.90 7.72
CA PHE D 807 6.71 -20.74 8.29
C PHE D 807 5.82 -20.03 7.29
N ALA D 808 4.63 -19.65 7.72
CA ALA D 808 3.76 -18.89 6.86
C ALA D 808 3.74 -17.62 7.71
N LEU D 809 4.32 -16.54 7.19
CA LEU D 809 4.39 -15.31 7.95
C LEU D 809 3.63 -14.22 7.25
N ILE D 810 2.72 -13.58 7.98
CA ILE D 810 2.01 -12.49 7.38
C ILE D 810 1.99 -11.34 8.33
N HIS D 811 3.18 -10.84 8.62
CA HIS D 811 3.32 -9.67 9.49
C HIS D 811 2.98 -9.89 10.95
N ASP D 812 1.72 -10.17 11.24
CA ASP D 812 1.34 -10.36 12.61
C ASP D 812 0.69 -11.72 12.74
N SER D 813 0.74 -12.47 11.65
CA SER D 813 0.19 -13.82 11.59
C SER D 813 1.39 -14.77 11.51
N PHE D 814 1.36 -15.85 12.28
CA PHE D 814 2.45 -16.83 12.31
C PHE D 814 1.88 -18.21 12.02
N GLY D 815 2.42 -18.89 11.01
CA GLY D 815 1.91 -20.21 10.66
C GLY D 815 2.90 -21.32 10.41
N THR D 816 2.48 -22.55 10.70
CA THR D 816 3.30 -23.73 10.46
C THR D 816 2.38 -24.89 10.16
N ILE D 817 2.97 -26.07 10.06
CA ILE D 817 2.23 -27.25 9.79
C ILE D 817 1.62 -27.62 11.13
N PRO D 818 0.53 -28.40 11.10
CA PRO D 818 -0.17 -28.81 12.31
C PRO D 818 0.72 -29.43 13.36
N ALA D 819 1.65 -30.27 12.94
CA ALA D 819 2.53 -30.92 13.89
C ALA D 819 3.44 -29.96 14.63
N ASP D 820 3.64 -28.76 14.12
CA ASP D 820 4.50 -27.82 14.81
C ASP D 820 3.68 -26.68 15.40
N ALA D 821 2.39 -26.66 15.13
CA ALA D 821 1.53 -25.60 15.62
C ALA D 821 1.71 -25.32 17.12
N ALA D 822 1.72 -26.36 17.93
CA ALA D 822 1.86 -26.22 19.36
C ALA D 822 3.08 -25.40 19.77
N ASN D 823 4.21 -25.66 19.11
CA ASN D 823 5.45 -24.96 19.41
C ASN D 823 5.45 -23.54 18.86
N LEU D 824 4.86 -23.34 17.69
CA LEU D 824 4.83 -22.01 17.13
C LEU D 824 3.99 -21.20 18.11
N PHE D 825 3.02 -21.88 18.71
CA PHE D 825 2.12 -21.29 19.70
C PHE D 825 2.87 -20.77 20.91
N LYS D 826 3.78 -21.57 21.47
CA LYS D 826 4.52 -21.07 22.63
C LYS D 826 5.57 -20.04 22.22
N ALA D 827 6.29 -20.34 21.14
CA ALA D 827 7.33 -19.49 20.58
C ALA D 827 6.89 -18.02 20.33
N VAL D 828 5.77 -17.83 19.63
CA VAL D 828 5.35 -16.48 19.39
C VAL D 828 5.12 -15.80 20.74
N ARG D 829 4.69 -16.56 21.74
CA ARG D 829 4.45 -15.96 23.04
C ARG D 829 5.76 -15.74 23.78
N GLU D 830 6.67 -16.69 23.70
CA GLU D 830 7.95 -16.57 24.38
C GLU D 830 8.76 -15.40 23.87
N THR D 831 8.77 -15.17 22.56
CA THR D 831 9.56 -14.08 22.06
C THR D 831 8.95 -12.76 22.50
N MET D 832 7.62 -12.73 22.55
CA MET D 832 6.88 -11.54 22.95
C MET D 832 7.34 -11.13 24.34
N VAL D 833 7.43 -12.12 25.22
CA VAL D 833 7.84 -11.92 26.58
C VAL D 833 9.33 -11.62 26.74
N ASP D 834 10.20 -12.39 26.10
CA ASP D 834 11.62 -12.14 26.26
C ASP D 834 11.93 -10.72 25.86
N THR D 835 11.39 -10.34 24.72
CA THR D 835 11.61 -9.03 24.15
C THR D 835 11.34 -7.86 25.05
N TYR D 836 10.08 -7.71 25.43
CA TYR D 836 9.63 -6.60 26.25
C TYR D 836 9.98 -6.74 27.72
N GLU D 837 10.57 -7.86 28.07
CA GLU D 837 10.96 -8.06 29.45
C GLU D 837 12.45 -7.79 29.46
N SER D 838 13.04 -7.81 28.27
CA SER D 838 14.47 -7.61 28.12
C SER D 838 14.84 -6.25 27.53
N CYS D 839 13.88 -5.58 26.92
CA CYS D 839 14.15 -4.29 26.31
C CYS D 839 13.10 -3.25 26.66
N ASP D 840 13.56 -2.01 26.81
CA ASP D 840 12.65 -0.91 27.06
C ASP D 840 12.82 -0.10 25.79
N VAL D 841 12.05 -0.50 24.78
CA VAL D 841 12.13 0.12 23.47
C VAL D 841 11.97 1.64 23.43
N LEU D 842 11.13 2.18 24.33
CA LEU D 842 10.92 3.62 24.38
C LEU D 842 12.14 4.30 25.02
N ALA D 843 12.64 3.72 26.12
CA ALA D 843 13.80 4.26 26.79
C ALA D 843 15.02 4.09 25.91
N ASP D 844 15.03 3.04 25.09
CA ASP D 844 16.17 2.79 24.21
C ASP D 844 16.10 3.81 23.12
N PHE D 845 14.88 4.03 22.65
CA PHE D 845 14.65 4.99 21.58
C PHE D 845 15.17 6.35 22.04
N TYR D 846 14.77 6.76 23.24
CA TYR D 846 15.20 8.01 23.81
C TYR D 846 16.73 8.09 23.87
N ASP D 847 17.38 7.04 24.32
CA ASP D 847 18.84 7.06 24.37
C ASP D 847 19.40 7.19 22.95
N GLN D 848 18.54 7.05 21.96
CA GLN D 848 19.01 7.17 20.58
C GLN D 848 19.01 8.60 20.03
N PHE D 849 18.09 9.44 20.50
CA PHE D 849 18.05 10.81 19.99
C PHE D 849 18.33 11.87 21.05
N ALA D 850 18.24 11.51 22.33
CA ALA D 850 18.48 12.47 23.40
C ALA D 850 19.78 13.22 23.14
N ASP D 851 20.87 12.50 22.96
CA ASP D 851 22.15 13.10 22.68
C ASP D 851 22.20 13.42 21.19
N GLN D 852 22.72 12.48 20.39
CA GLN D 852 22.82 12.66 18.95
C GLN D 852 21.63 13.40 18.36
N LEU D 853 21.82 14.69 18.14
CA LEU D 853 20.78 15.55 17.58
C LEU D 853 19.80 15.90 18.68
N HIS D 854 19.82 17.15 19.14
CA HIS D 854 18.91 17.62 20.18
C HIS D 854 19.30 18.94 20.84
N GLU D 855 18.89 19.08 22.09
CA GLU D 855 19.12 20.28 22.91
C GLU D 855 18.90 21.60 22.21
N SER D 856 19.88 22.50 22.34
CA SER D 856 19.79 23.85 21.79
C SER D 856 18.44 24.41 22.21
N GLN D 857 18.05 24.11 23.46
CA GLN D 857 16.78 24.53 24.05
C GLN D 857 15.77 23.38 24.09
N LEU D 858 15.87 22.46 23.12
CA LEU D 858 14.94 21.32 23.05
C LEU D 858 15.05 20.46 24.29
N ASP D 859 14.09 20.61 25.19
CA ASP D 859 14.06 19.82 26.43
C ASP D 859 12.70 20.00 27.06
N LYS D 860 11.71 20.06 26.16
CA LYS D 860 10.32 20.19 26.50
C LYS D 860 9.79 18.83 26.06
N MET D 861 10.72 17.88 26.05
CA MET D 861 10.45 16.50 25.69
C MET D 861 9.67 15.87 26.82
N PRO D 862 8.41 15.50 26.58
CA PRO D 862 7.57 14.87 27.60
C PRO D 862 8.31 13.71 28.22
N ALA D 863 7.94 13.33 29.43
CA ALA D 863 8.62 12.21 30.10
C ALA D 863 8.13 10.87 29.60
N LEU D 864 9.00 9.87 29.69
CA LEU D 864 8.67 8.52 29.28
C LEU D 864 7.39 8.16 29.99
N PRO D 865 6.44 7.53 29.29
CA PRO D 865 5.17 7.16 29.92
C PRO D 865 5.40 6.25 31.13
N ALA D 866 4.51 6.34 32.11
CA ALA D 866 4.62 5.52 33.30
C ALA D 866 4.33 4.05 32.97
N LYS D 867 5.11 3.15 33.54
CA LYS D 867 4.91 1.73 33.30
C LYS D 867 3.66 1.26 34.02
N GLY D 868 3.17 0.08 33.66
CA GLY D 868 1.97 -0.46 34.26
C GLY D 868 2.23 -1.70 35.09
N ASN D 869 1.18 -2.44 35.41
CA ASN D 869 1.35 -3.63 36.22
C ASN D 869 1.11 -4.93 35.46
N LEU D 870 1.01 -4.83 34.13
CA LEU D 870 0.81 -6.00 33.31
C LEU D 870 2.03 -6.89 33.47
N ASN D 871 1.82 -8.11 33.99
CA ASN D 871 2.91 -9.07 34.17
C ASN D 871 3.15 -9.73 32.80
N LEU D 872 4.18 -9.27 32.09
CA LEU D 872 4.45 -9.81 30.77
C LEU D 872 4.52 -11.33 30.68
N ARG D 873 4.99 -11.98 31.74
CA ARG D 873 5.11 -13.42 31.70
C ARG D 873 3.74 -14.13 31.62
N ASP D 874 2.66 -13.39 31.83
CA ASP D 874 1.32 -13.96 31.76
C ASP D 874 0.97 -14.31 30.33
N ILE D 875 1.56 -13.57 29.39
CA ILE D 875 1.35 -13.80 27.97
C ILE D 875 1.59 -15.28 27.61
N LEU D 876 2.53 -15.91 28.32
CA LEU D 876 2.83 -17.31 28.09
C LEU D 876 1.60 -18.18 28.34
N GLU D 877 0.76 -17.75 29.27
CA GLU D 877 -0.43 -18.53 29.64
C GLU D 877 -1.70 -17.97 29.01
N SER D 878 -1.56 -17.09 28.04
CA SER D 878 -2.72 -16.53 27.40
C SER D 878 -3.08 -17.32 26.16
N ASP D 879 -4.27 -17.91 26.19
CA ASP D 879 -4.77 -18.71 25.10
C ASP D 879 -5.02 -17.94 23.83
N PHE D 880 -5.56 -16.75 23.99
CA PHE D 880 -5.97 -15.94 22.85
C PHE D 880 -5.07 -14.84 22.31
N ALA D 881 -3.87 -14.72 22.86
CA ALA D 881 -2.95 -13.69 22.38
C ALA D 881 -2.45 -14.00 20.99
N PHE D 882 -2.07 -15.26 20.77
CA PHE D 882 -1.51 -15.74 19.52
C PHE D 882 -0.18 -15.03 19.33
N ALA D 883 -0.17 -13.93 18.60
CA ALA D 883 1.07 -13.17 18.42
C ALA D 883 1.47 -12.65 19.80
MG MG E . -4.50 -7.29 8.01
MG MG F . -4.10 -9.12 12.93
P1 POP G . -9.45 -10.13 13.57
O1 POP G . -9.58 -11.26 14.57
O2 POP G . -10.77 -9.59 13.14
O3 POP G . -8.60 -10.62 12.38
O POP G . -8.65 -8.92 14.32
P2 POP G . -7.41 -8.89 15.31
O4 POP G . -6.62 -10.07 15.04
O5 POP G . -6.69 -7.61 15.04
O6 POP G . -8.03 -8.93 16.69
#